data_144D
# 
_entry.id   144D 
# 
_audit_conform.dict_name       mmcif_pdbx.dic 
_audit_conform.dict_version    5.385 
_audit_conform.dict_location   http://mmcif.pdb.org/dictionaries/ascii/mmcif_pdbx.dic 
# 
loop_
_database_2.database_id 
_database_2.database_code 
_database_2.pdbx_database_accession 
_database_2.pdbx_DOI 
PDB   144D         pdb_0000144d 10.2210/pdb144d/pdb 
RCSB  GDLB24       ?            ?                   
WWPDB D_1000170102 ?            ?                   
# 
loop_
_pdbx_audit_revision_history.ordinal 
_pdbx_audit_revision_history.data_content_type 
_pdbx_audit_revision_history.major_revision 
_pdbx_audit_revision_history.minor_revision 
_pdbx_audit_revision_history.revision_date 
1 'Structure model' 1 0 1995-05-30 
2 'Structure model' 1 1 2008-05-22 
3 'Structure model' 1 2 2011-07-13 
4 'Structure model' 1 3 2024-02-07 
# 
_pdbx_audit_revision_details.ordinal             1 
_pdbx_audit_revision_details.revision_ordinal    1 
_pdbx_audit_revision_details.data_content_type   'Structure model' 
_pdbx_audit_revision_details.provider            repository 
_pdbx_audit_revision_details.type                'Initial release' 
_pdbx_audit_revision_details.description         ? 
_pdbx_audit_revision_details.details             ? 
# 
loop_
_pdbx_audit_revision_group.ordinal 
_pdbx_audit_revision_group.revision_ordinal 
_pdbx_audit_revision_group.data_content_type 
_pdbx_audit_revision_group.group 
1 2 'Structure model' 'Version format compliance' 
2 3 'Structure model' 'Version format compliance' 
3 4 'Structure model' 'Data collection'           
4 4 'Structure model' 'Database references'       
5 4 'Structure model' 'Derived calculations'      
# 
loop_
_pdbx_audit_revision_category.ordinal 
_pdbx_audit_revision_category.revision_ordinal 
_pdbx_audit_revision_category.data_content_type 
_pdbx_audit_revision_category.category 
1 4 'Structure model' chem_comp_atom 
2 4 'Structure model' chem_comp_bond 
3 4 'Structure model' database_2     
4 4 'Structure model' struct_conn    
5 4 'Structure model' struct_site    
# 
loop_
_pdbx_audit_revision_item.ordinal 
_pdbx_audit_revision_item.revision_ordinal 
_pdbx_audit_revision_item.data_content_type 
_pdbx_audit_revision_item.item 
1 4 'Structure model' '_database_2.pdbx_DOI'                
2 4 'Structure model' '_database_2.pdbx_database_accession' 
3 4 'Structure model' '_struct_conn.pdbx_leaving_atom_flag' 
4 4 'Structure model' '_struct_site.pdbx_auth_asym_id'      
5 4 'Structure model' '_struct_site.pdbx_auth_comp_id'      
6 4 'Structure model' '_struct_site.pdbx_auth_seq_id'       
# 
_pdbx_database_status.status_code                     REL 
_pdbx_database_status.entry_id                        144D 
_pdbx_database_status.recvd_initial_deposition_date   1993-10-26 
_pdbx_database_status.deposit_site                    BNL 
_pdbx_database_status.process_site                    NDB 
_pdbx_database_status.SG_entry                        . 
_pdbx_database_status.pdb_format_compatible           Y 
_pdbx_database_status.status_code_mr                  ? 
_pdbx_database_status.status_code_sf                  ? 
_pdbx_database_status.status_code_cs                  ? 
_pdbx_database_status.status_code_nmr_data            ? 
_pdbx_database_status.methods_development_category    ? 
# 
loop_
_audit_author.name 
_audit_author.pdbx_ordinal 
'Gao, Y.-G.'    1 
'Sriram, M.'    2 
'Denny, W.A.'   3 
'Wang, A.H.-J.' 4 
# 
_citation.id                        primary 
_citation.title                     
'Minor groove binding of SN6999 to an alkylated DNA: molecular structure of d(CGC[e6G]AATTCGCG)-SN6999 complex.' 
_citation.journal_abbrev            Biochemistry 
_citation.journal_volume            32 
_citation.page_first                9639 
_citation.page_last                 9648 
_citation.year                      1993 
_citation.journal_id_ASTM           BICHAW 
_citation.country                   US 
_citation.journal_id_ISSN           0006-2960 
_citation.journal_id_CSD            0033 
_citation.book_publisher            ? 
_citation.pdbx_database_id_PubMed   8373768 
_citation.pdbx_database_id_DOI      10.1021/bi00088a016 
# 
loop_
_citation_author.citation_id 
_citation_author.name 
_citation_author.ordinal 
_citation_author.identifier_ORCID 
primary 'Gao, Y.G.'   1 ? 
primary 'Sriram, M.'  2 ? 
primary 'Denny, W.A.' 3 ? 
primary 'Wang, A.H.'  4 ? 
# 
loop_
_entity.id 
_entity.type 
_entity.src_method 
_entity.pdbx_description 
_entity.formula_weight 
_entity.pdbx_number_of_molecules 
_entity.pdbx_ec 
_entity.pdbx_mutation 
_entity.pdbx_fragment 
_entity.details 
1 polymer     syn 
;DNA (5'-D(*CP*GP*CP*(G36)P*AP*AP*TP*TP*CP*GP*CP*G)-3')
;
3691.445 2  ? ? ? ? 
2 non-polymer syn '1-METHYL-4-[4-[4-(4-(1-METHYLQUINOLINIUM)AMINO)BENZAMIDO]ANILINO]PYRIDINIUM' 461.558  1  ? ? ? ? 
3 water       nat water                                                                         18.015   65 ? ? ? ? 
# 
_entity_poly.entity_id                      1 
_entity_poly.type                           polydeoxyribonucleotide 
_entity_poly.nstd_linkage                   no 
_entity_poly.nstd_monomer                   yes 
_entity_poly.pdbx_seq_one_letter_code       '(DC)(DG)(DC)(G36)(DA)(DA)(DT)(DT)(DC)(DG)(DC)(DG)' 
_entity_poly.pdbx_seq_one_letter_code_can   CGCGAATTCGCG 
_entity_poly.pdbx_strand_id                 A,B 
_entity_poly.pdbx_target_identifier         ? 
# 
loop_
_pdbx_entity_nonpoly.entity_id 
_pdbx_entity_nonpoly.name 
_pdbx_entity_nonpoly.comp_id 
2 '1-METHYL-4-[4-[4-(4-(1-METHYLQUINOLINIUM)AMINO)BENZAMIDO]ANILINO]PYRIDINIUM' SN6 
3 water                                                                         HOH 
# 
loop_
_entity_poly_seq.entity_id 
_entity_poly_seq.num 
_entity_poly_seq.mon_id 
_entity_poly_seq.hetero 
1 1  DC  n 
1 2  DG  n 
1 3  DC  n 
1 4  G36 n 
1 5  DA  n 
1 6  DA  n 
1 7  DT  n 
1 8  DT  n 
1 9  DC  n 
1 10 DG  n 
1 11 DC  n 
1 12 DG  n 
# 
loop_
_chem_comp.id 
_chem_comp.type 
_chem_comp.mon_nstd_flag 
_chem_comp.name 
_chem_comp.pdbx_synonyms 
_chem_comp.formula 
_chem_comp.formula_weight 
DA  'DNA linking' y "2'-DEOXYADENOSINE-5'-MONOPHOSPHATE"                                          ?      'C10 H14 N5 O6 P' 331.222 
DC  'DNA linking' y "2'-DEOXYCYTIDINE-5'-MONOPHOSPHATE"                                           ?      'C9 H14 N3 O7 P'  307.197 
DG  'DNA linking' y "2'-DEOXYGUANOSINE-5'-MONOPHOSPHATE"                                          ?      'C10 H14 N5 O7 P' 347.221 
DT  'DNA linking' y "THYMIDINE-5'-MONOPHOSPHATE"                                                  ?      'C10 H15 N2 O8 P' 322.208 
G36 'DNA linking' n "O6-ETHYL-2'-DEOXYGUANOSINE-5'-MONOPHOSPHATE"                                 ?      'C12 H18 N5 O7 P' 375.274 
HOH non-polymer   . WATER                                                                         ?      'H2 O'            18.015  
SN6 non-polymer   . '1-METHYL-4-[4-[4-(4-(1-METHYLQUINOLINIUM)AMINO)BENZAMIDO]ANILINO]PYRIDINIUM' SN6999 'C29 H27 N5 O 2'  461.558 
# 
loop_
_pdbx_poly_seq_scheme.asym_id 
_pdbx_poly_seq_scheme.entity_id 
_pdbx_poly_seq_scheme.seq_id 
_pdbx_poly_seq_scheme.mon_id 
_pdbx_poly_seq_scheme.ndb_seq_num 
_pdbx_poly_seq_scheme.pdb_seq_num 
_pdbx_poly_seq_scheme.auth_seq_num 
_pdbx_poly_seq_scheme.pdb_mon_id 
_pdbx_poly_seq_scheme.auth_mon_id 
_pdbx_poly_seq_scheme.pdb_strand_id 
_pdbx_poly_seq_scheme.pdb_ins_code 
_pdbx_poly_seq_scheme.hetero 
A 1 1  DC  1  1  1  DC  C  A . n 
A 1 2  DG  2  2  2  DG  G  A . n 
A 1 3  DC  3  3  3  DC  C  A . n 
A 1 4  G36 4  4  4  G36 +G A . n 
A 1 5  DA  5  5  5  DA  A  A . n 
A 1 6  DA  6  6  6  DA  A  A . n 
A 1 7  DT  7  7  7  DT  T  A . n 
A 1 8  DT  8  8  8  DT  T  A . n 
A 1 9  DC  9  9  9  DC  C  A . n 
A 1 10 DG  10 10 10 DG  G  A . n 
A 1 11 DC  11 11 11 DC  C  A . n 
A 1 12 DG  12 12 12 DG  G  A . n 
B 1 1  DC  1  13 13 DC  C  B . n 
B 1 2  DG  2  14 14 DG  G  B . n 
B 1 3  DC  3  15 15 DC  C  B . n 
B 1 4  G36 4  16 16 G36 +G B . n 
B 1 5  DA  5  17 17 DA  A  B . n 
B 1 6  DA  6  18 18 DA  A  B . n 
B 1 7  DT  7  19 19 DT  T  B . n 
B 1 8  DT  8  20 20 DT  T  B . n 
B 1 9  DC  9  21 21 DC  C  B . n 
B 1 10 DG  10 22 22 DG  G  B . n 
B 1 11 DC  11 23 23 DC  C  B . n 
B 1 12 DG  12 24 24 DG  G  B . n 
# 
loop_
_pdbx_nonpoly_scheme.asym_id 
_pdbx_nonpoly_scheme.entity_id 
_pdbx_nonpoly_scheme.mon_id 
_pdbx_nonpoly_scheme.ndb_seq_num 
_pdbx_nonpoly_scheme.pdb_seq_num 
_pdbx_nonpoly_scheme.auth_seq_num 
_pdbx_nonpoly_scheme.pdb_mon_id 
_pdbx_nonpoly_scheme.auth_mon_id 
_pdbx_nonpoly_scheme.pdb_strand_id 
_pdbx_nonpoly_scheme.pdb_ins_code 
C 2 SN6 1  25 25 SN6 SN6 B . 
D 3 HOH 1  26 26 HOH HOH A . 
D 3 HOH 2  27 27 HOH HOH A . 
D 3 HOH 3  30 30 HOH HOH A . 
D 3 HOH 4  31 31 HOH HOH A . 
D 3 HOH 5  33 33 HOH HOH A . 
D 3 HOH 6  37 37 HOH HOH A . 
D 3 HOH 7  38 38 HOH HOH A . 
D 3 HOH 8  39 39 HOH HOH A . 
D 3 HOH 9  43 43 HOH HOH A . 
D 3 HOH 10 46 46 HOH HOH A . 
D 3 HOH 11 48 48 HOH HOH A . 
D 3 HOH 12 49 49 HOH HOH A . 
D 3 HOH 13 52 52 HOH HOH A . 
D 3 HOH 14 53 53 HOH HOH A . 
D 3 HOH 15 54 54 HOH HOH A . 
D 3 HOH 16 61 61 HOH HOH A . 
D 3 HOH 17 64 64 HOH HOH A . 
D 3 HOH 18 66 66 HOH HOH A . 
D 3 HOH 19 67 67 HOH HOH A . 
D 3 HOH 20 70 70 HOH HOH A . 
D 3 HOH 21 72 72 HOH HOH A . 
D 3 HOH 22 73 73 HOH HOH A . 
D 3 HOH 23 74 74 HOH HOH A . 
D 3 HOH 24 75 75 HOH HOH A . 
D 3 HOH 25 77 77 HOH HOH A . 
D 3 HOH 26 80 80 HOH HOH A . 
D 3 HOH 27 81 81 HOH HOH A . 
D 3 HOH 28 82 82 HOH HOH A . 
D 3 HOH 29 83 83 HOH HOH A . 
D 3 HOH 30 84 84 HOH HOH A . 
D 3 HOH 31 85 85 HOH HOH A . 
D 3 HOH 32 86 86 HOH HOH A . 
D 3 HOH 33 87 87 HOH HOH A . 
D 3 HOH 34 89 89 HOH HOH A . 
D 3 HOH 35 90 90 HOH HOH A . 
E 3 HOH 1  28 28 HOH HOH B . 
E 3 HOH 2  29 29 HOH HOH B . 
E 3 HOH 3  32 32 HOH HOH B . 
E 3 HOH 4  34 34 HOH HOH B . 
E 3 HOH 5  35 35 HOH HOH B . 
E 3 HOH 6  36 36 HOH HOH B . 
E 3 HOH 7  40 40 HOH HOH B . 
E 3 HOH 8  41 41 HOH HOH B . 
E 3 HOH 9  42 42 HOH HOH B . 
E 3 HOH 10 44 44 HOH HOH B . 
E 3 HOH 11 45 45 HOH HOH B . 
E 3 HOH 12 47 47 HOH HOH B . 
E 3 HOH 13 50 50 HOH HOH B . 
E 3 HOH 14 51 51 HOH HOH B . 
E 3 HOH 15 55 55 HOH HOH B . 
E 3 HOH 16 56 56 HOH HOH B . 
E 3 HOH 17 57 57 HOH HOH B . 
E 3 HOH 18 58 58 HOH HOH B . 
E 3 HOH 19 59 59 HOH HOH B . 
E 3 HOH 20 60 60 HOH HOH B . 
E 3 HOH 21 62 62 HOH HOH B . 
E 3 HOH 22 63 63 HOH HOH B . 
E 3 HOH 23 65 65 HOH HOH B . 
E 3 HOH 24 68 68 HOH HOH B . 
E 3 HOH 25 69 69 HOH HOH B . 
E 3 HOH 26 71 71 HOH HOH B . 
E 3 HOH 27 76 76 HOH HOH B . 
E 3 HOH 28 78 78 HOH HOH B . 
E 3 HOH 29 79 79 HOH HOH B . 
E 3 HOH 30 88 88 HOH HOH B . 
# 
_software.name             NUCLSQ 
_software.classification   refinement 
_software.version          . 
_software.citation_id      ? 
_software.pdbx_ordinal     1 
# 
_cell.entry_id           144D 
_cell.length_a           28.480 
_cell.length_b           36.110 
_cell.length_c           69.600 
_cell.angle_alpha        90.00 
_cell.angle_beta         90.00 
_cell.angle_gamma        90.00 
_cell.Z_PDB              8 
_cell.pdbx_unique_axis   ? 
# 
_symmetry.entry_id                         144D 
_symmetry.space_group_name_H-M             'P 21 21 21' 
_symmetry.pdbx_full_space_group_name_H-M   ? 
_symmetry.cell_setting                     ? 
_symmetry.Int_Tables_number                19 
# 
_exptl.entry_id          144D 
_exptl.method            'X-RAY DIFFRACTION' 
_exptl.crystals_number   ? 
# 
_exptl_crystal.id                    1 
_exptl_crystal.density_meas          ? 
_exptl_crystal.density_Matthews      2.42 
_exptl_crystal.density_percent_sol   49.25 
_exptl_crystal.description           ? 
# 
_exptl_crystal_grow.crystal_id      1 
_exptl_crystal_grow.method          'VAPOR DIFFUSION' 
_exptl_crystal_grow.temp            ? 
_exptl_crystal_grow.temp_details    'ROOM TEMPERATURE' 
_exptl_crystal_grow.pH              7.00 
_exptl_crystal_grow.pdbx_details    'pH 7.00, VAPOR DIFFUSION' 
_exptl_crystal_grow.pdbx_pH_range   ? 
# 
loop_
_exptl_crystal_grow_comp.crystal_id 
_exptl_crystal_grow_comp.id 
_exptl_crystal_grow_comp.sol_id 
_exptl_crystal_grow_comp.name 
_exptl_crystal_grow_comp.volume 
_exptl_crystal_grow_comp.conc 
_exptl_crystal_grow_comp.details 
1 1 1 WATER           ? ? ? 
1 2 1 MPD             ? ? ? 
1 3 1 'NA CACODYLATE' ? ? ? 
1 4 1 MGCL2           ? ? ? 
1 5 1 SPERMINE        ? ? ? 
1 6 1 'NH4 ACETATE'   ? ? ? 
1 7 2 WATER           ? ? ? 
1 8 2 MPD             ? ? ? 
# 
_diffrn.id                     1 
_diffrn.ambient_temp           ? 
_diffrn.ambient_temp_details   'ROOM TEMPERATURE' 
_diffrn.crystal_id             1 
# 
_diffrn_detector.diffrn_id              1 
_diffrn_detector.detector               DIFFRACTOMETER 
_diffrn_detector.type                   'RIGAKU AFC-5R' 
_diffrn_detector.pdbx_collection_date   ? 
_diffrn_detector.details                ? 
# 
_diffrn_radiation.diffrn_id                        1 
_diffrn_radiation.wavelength_id                    1 
_diffrn_radiation.pdbx_monochromatic_or_laue_m_l   ? 
_diffrn_radiation.monochromator                    ? 
_diffrn_radiation.pdbx_diffrn_protocol             ? 
_diffrn_radiation.pdbx_scattering_type             x-ray 
# 
_diffrn_radiation_wavelength.id           1 
_diffrn_radiation_wavelength.wavelength   . 
_diffrn_radiation_wavelength.wt           1.0 
# 
_diffrn_source.diffrn_id                   1 
_diffrn_source.source                      'ROTATING ANODE' 
_diffrn_source.type                        ? 
_diffrn_source.pdbx_synchrotron_site       ? 
_diffrn_source.pdbx_synchrotron_beamline   ? 
_diffrn_source.pdbx_wavelength             ? 
_diffrn_source.pdbx_wavelength_list        ? 
# 
_reflns.entry_id                     144D 
_reflns.observed_criterion_sigma_I   ? 
_reflns.observed_criterion_sigma_F   2.000 
_reflns.d_resolution_low             ? 
_reflns.d_resolution_high            2.250 
_reflns.number_obs                   1618 
_reflns.number_all                   ? 
_reflns.percent_possible_obs         ? 
_reflns.pdbx_Rmerge_I_obs            ? 
_reflns.pdbx_Rsym_value              ? 
_reflns.pdbx_netI_over_sigmaI        ? 
_reflns.B_iso_Wilson_estimate        ? 
_reflns.pdbx_redundancy              ? 
_reflns.pdbx_diffrn_id               1 
_reflns.pdbx_ordinal                 1 
# 
_refine.entry_id                                 144D 
_refine.ls_number_reflns_obs                     1618 
_refine.ls_number_reflns_all                     ? 
_refine.pdbx_ls_sigma_I                          ? 
_refine.pdbx_ls_sigma_F                          2.000 
_refine.pdbx_data_cutoff_high_absF               ? 
_refine.pdbx_data_cutoff_low_absF                ? 
_refine.pdbx_data_cutoff_high_rms_absF           ? 
_refine.ls_d_res_low                             10.000 
_refine.ls_d_res_high                            2.250 
_refine.ls_percent_reflns_obs                    ? 
_refine.ls_R_factor_obs                          0.17 
_refine.ls_R_factor_all                          ? 
_refine.ls_R_factor_R_work                       ? 
_refine.ls_R_factor_R_free                       ? 
_refine.ls_R_factor_R_free_error                 ? 
_refine.ls_R_factor_R_free_error_details         ? 
_refine.ls_percent_reflns_R_free                 ? 
_refine.ls_number_reflns_R_free                  ? 
_refine.ls_number_parameters                     ? 
_refine.ls_number_restraints                     ? 
_refine.occupancy_min                            ? 
_refine.occupancy_max                            ? 
_refine.B_iso_mean                               ? 
_refine.aniso_B[1][1]                            ? 
_refine.aniso_B[2][2]                            ? 
_refine.aniso_B[3][3]                            ? 
_refine.aniso_B[1][2]                            ? 
_refine.aniso_B[1][3]                            ? 
_refine.aniso_B[2][3]                            ? 
_refine.solvent_model_details                    ? 
_refine.solvent_model_param_ksol                 ? 
_refine.solvent_model_param_bsol                 ? 
_refine.pdbx_ls_cross_valid_method               ? 
_refine.details                                  ? 
_refine.pdbx_starting_model                      ? 
_refine.pdbx_method_to_determine_struct          ? 
_refine.pdbx_isotropic_thermal_model             ? 
_refine.pdbx_stereochemistry_target_values       ? 
_refine.pdbx_stereochem_target_val_spec_case     ? 
_refine.pdbx_R_Free_selection_details            ? 
_refine.pdbx_overall_ESU_R                       ? 
_refine.pdbx_overall_ESU_R_Free                  ? 
_refine.overall_SU_ML                            ? 
_refine.overall_SU_B                             ? 
_refine.pdbx_refine_id                           'X-RAY DIFFRACTION' 
_refine.pdbx_diffrn_id                           1 
_refine.pdbx_TLS_residual_ADP_flag               ? 
_refine.correlation_coeff_Fo_to_Fc               ? 
_refine.correlation_coeff_Fo_to_Fc_free          ? 
_refine.pdbx_solvent_vdw_probe_radii             ? 
_refine.pdbx_solvent_ion_probe_radii             ? 
_refine.pdbx_solvent_shrinkage_radii             ? 
_refine.pdbx_overall_phase_error                 ? 
_refine.overall_SU_R_Cruickshank_DPI             ? 
_refine.pdbx_overall_SU_R_free_Cruickshank_DPI   ? 
_refine.pdbx_overall_SU_R_Blow_DPI               ? 
_refine.pdbx_overall_SU_R_free_Blow_DPI          ? 
# 
_refine_hist.pdbx_refine_id                   'X-RAY DIFFRACTION' 
_refine_hist.cycle_id                         LAST 
_refine_hist.pdbx_number_atoms_protein        0 
_refine_hist.pdbx_number_atoms_nucleic_acid   486 
_refine_hist.pdbx_number_atoms_ligand         39 
_refine_hist.number_atoms_solvent             65 
_refine_hist.number_atoms_total               590 
_refine_hist.d_res_high                       2.250 
_refine_hist.d_res_low                        10.000 
# 
_struct.entry_id                  144D 
_struct.title                     
'MINOR GROOVE BINDING OF SN6999 TO AN ALKYLATED DNA: MOLECULAR STRUCTURE OF D(CGC[E6G]AATTCGCG)-SN6999 COMPLEX' 
_struct.pdbx_model_details        ? 
_struct.pdbx_CASP_flag            ? 
_struct.pdbx_model_type_details   ? 
# 
_struct_keywords.entry_id        144D 
_struct_keywords.pdbx_keywords   DNA 
_struct_keywords.text            'B-DNA, DOUBLE HELIX, COMPLEXED WITH DRUG, MODIFIED, DNA' 
# 
loop_
_struct_asym.id 
_struct_asym.pdbx_blank_PDB_chainid_flag 
_struct_asym.pdbx_modified 
_struct_asym.entity_id 
_struct_asym.details 
A N N 1 ? 
B N N 1 ? 
C N N 2 ? 
D N N 3 ? 
E N N 3 ? 
# 
_struct_ref.id                         1 
_struct_ref.entity_id                  1 
_struct_ref.db_name                    PDB 
_struct_ref.db_code                    144D 
_struct_ref.pdbx_db_accession          144D 
_struct_ref.pdbx_db_isoform            ? 
_struct_ref.pdbx_seq_one_letter_code   ? 
_struct_ref.pdbx_align_begin           ? 
# 
loop_
_struct_ref_seq.align_id 
_struct_ref_seq.ref_id 
_struct_ref_seq.pdbx_PDB_id_code 
_struct_ref_seq.pdbx_strand_id 
_struct_ref_seq.seq_align_beg 
_struct_ref_seq.pdbx_seq_align_beg_ins_code 
_struct_ref_seq.seq_align_end 
_struct_ref_seq.pdbx_seq_align_end_ins_code 
_struct_ref_seq.pdbx_db_accession 
_struct_ref_seq.db_align_beg 
_struct_ref_seq.pdbx_db_align_beg_ins_code 
_struct_ref_seq.db_align_end 
_struct_ref_seq.pdbx_db_align_end_ins_code 
_struct_ref_seq.pdbx_auth_seq_align_beg 
_struct_ref_seq.pdbx_auth_seq_align_end 
1 1 144D A 1 ? 12 ? 144D 1  ? 12 ? 1  12 
2 1 144D B 1 ? 12 ? 144D 13 ? 24 ? 13 24 
# 
_pdbx_struct_assembly.id                   1 
_pdbx_struct_assembly.details              author_defined_assembly 
_pdbx_struct_assembly.method_details       ? 
_pdbx_struct_assembly.oligomeric_details   dimeric 
_pdbx_struct_assembly.oligomeric_count     2 
# 
_pdbx_struct_assembly_gen.assembly_id       1 
_pdbx_struct_assembly_gen.oper_expression   1 
_pdbx_struct_assembly_gen.asym_id_list      A,B,C,D,E 
# 
_pdbx_struct_oper_list.id                   1 
_pdbx_struct_oper_list.type                 'identity operation' 
_pdbx_struct_oper_list.name                 1_555 
_pdbx_struct_oper_list.symmetry_operation   x,y,z 
_pdbx_struct_oper_list.matrix[1][1]         1.0000000000 
_pdbx_struct_oper_list.matrix[1][2]         0.0000000000 
_pdbx_struct_oper_list.matrix[1][3]         0.0000000000 
_pdbx_struct_oper_list.vector[1]            0.0000000000 
_pdbx_struct_oper_list.matrix[2][1]         0.0000000000 
_pdbx_struct_oper_list.matrix[2][2]         1.0000000000 
_pdbx_struct_oper_list.matrix[2][3]         0.0000000000 
_pdbx_struct_oper_list.vector[2]            0.0000000000 
_pdbx_struct_oper_list.matrix[3][1]         0.0000000000 
_pdbx_struct_oper_list.matrix[3][2]         0.0000000000 
_pdbx_struct_oper_list.matrix[3][3]         1.0000000000 
_pdbx_struct_oper_list.vector[3]            0.0000000000 
# 
_struct_biol.id   1 
# 
loop_
_struct_conn.id 
_struct_conn.conn_type_id 
_struct_conn.pdbx_leaving_atom_flag 
_struct_conn.pdbx_PDB_id 
_struct_conn.ptnr1_label_asym_id 
_struct_conn.ptnr1_label_comp_id 
_struct_conn.ptnr1_label_seq_id 
_struct_conn.ptnr1_label_atom_id 
_struct_conn.pdbx_ptnr1_label_alt_id 
_struct_conn.pdbx_ptnr1_PDB_ins_code 
_struct_conn.pdbx_ptnr1_standard_comp_id 
_struct_conn.ptnr1_symmetry 
_struct_conn.ptnr2_label_asym_id 
_struct_conn.ptnr2_label_comp_id 
_struct_conn.ptnr2_label_seq_id 
_struct_conn.ptnr2_label_atom_id 
_struct_conn.pdbx_ptnr2_label_alt_id 
_struct_conn.pdbx_ptnr2_PDB_ins_code 
_struct_conn.ptnr1_auth_asym_id 
_struct_conn.ptnr1_auth_comp_id 
_struct_conn.ptnr1_auth_seq_id 
_struct_conn.ptnr2_auth_asym_id 
_struct_conn.ptnr2_auth_comp_id 
_struct_conn.ptnr2_auth_seq_id 
_struct_conn.ptnr2_symmetry 
_struct_conn.pdbx_ptnr3_label_atom_id 
_struct_conn.pdbx_ptnr3_label_seq_id 
_struct_conn.pdbx_ptnr3_label_comp_id 
_struct_conn.pdbx_ptnr3_label_asym_id 
_struct_conn.pdbx_ptnr3_label_alt_id 
_struct_conn.pdbx_ptnr3_PDB_ins_code 
_struct_conn.details 
_struct_conn.pdbx_dist_value 
_struct_conn.pdbx_value_order 
_struct_conn.pdbx_role 
covale1  covale both ? A DC  3  "O3'" ? ? ? 1_555 A G36 4  P  ? ? A DC  3  A G36 4  1_555 ? ? ? ? ? ? ?            1.622 ? ? 
covale2  covale one  ? A G36 4  "O3'" ? ? ? 1_555 A DA  5  P  ? ? A G36 4  A DA  5  1_555 ? ? ? ? ? ? ?            1.567 ? ? 
covale3  covale both ? B DC  3  "O3'" ? ? ? 1_555 B G36 4  P  ? ? B DC  15 B G36 16 1_555 ? ? ? ? ? ? ?            1.607 ? ? 
covale4  covale one  ? B G36 4  "O3'" ? ? ? 1_555 B DA  5  P  ? ? B G36 16 B DA  17 1_555 ? ? ? ? ? ? ?            1.450 ? ? 
hydrog1  hydrog ?    ? A DC  1  N3    ? ? ? 1_555 B DG  12 N1 ? ? A DC  1  B DG  24 1_555 ? ? ? ? ? ? WATSON-CRICK ?     ? ? 
hydrog2  hydrog ?    ? A DC  1  N4    ? ? ? 1_555 B DG  12 O6 ? ? A DC  1  B DG  24 1_555 ? ? ? ? ? ? WATSON-CRICK ?     ? ? 
hydrog3  hydrog ?    ? A DC  1  O2    ? ? ? 1_555 B DG  12 N2 ? ? A DC  1  B DG  24 1_555 ? ? ? ? ? ? WATSON-CRICK ?     ? ? 
hydrog4  hydrog ?    ? A DG  2  N1    ? ? ? 1_555 B DC  11 N3 ? ? A DG  2  B DC  23 1_555 ? ? ? ? ? ? WATSON-CRICK ?     ? ? 
hydrog5  hydrog ?    ? A DG  2  N2    ? ? ? 1_555 B DC  11 O2 ? ? A DG  2  B DC  23 1_555 ? ? ? ? ? ? WATSON-CRICK ?     ? ? 
hydrog6  hydrog ?    ? A DG  2  O6    ? ? ? 1_555 B DC  11 N4 ? ? A DG  2  B DC  23 1_555 ? ? ? ? ? ? WATSON-CRICK ?     ? ? 
hydrog7  hydrog ?    ? A DC  3  N3    ? ? ? 1_555 B DG  10 N1 ? ? A DC  3  B DG  22 1_555 ? ? ? ? ? ? WATSON-CRICK ?     ? ? 
hydrog8  hydrog ?    ? A DC  3  N4    ? ? ? 1_555 B DG  10 O6 ? ? A DC  3  B DG  22 1_555 ? ? ? ? ? ? WATSON-CRICK ?     ? ? 
hydrog9  hydrog ?    ? A DC  3  O2    ? ? ? 1_555 B DG  10 N2 ? ? A DC  3  B DG  22 1_555 ? ? ? ? ? ? WATSON-CRICK ?     ? ? 
hydrog10 hydrog ?    ? A G36 4  N1    ? ? ? 1_555 B DC  9  N3 ? ? A G36 4  B DC  21 1_555 ? ? ? ? ? ? WATSON-CRICK ?     ? ? 
hydrog11 hydrog ?    ? A G36 4  N2    ? ? ? 1_555 B DC  9  O2 ? ? A G36 4  B DC  21 1_555 ? ? ? ? ? ? WATSON-CRICK ?     ? ? 
hydrog12 hydrog ?    ? A G36 4  O6    ? ? ? 1_555 B DC  9  N4 ? ? A G36 4  B DC  21 1_555 ? ? ? ? ? ? WATSON-CRICK ?     ? ? 
hydrog13 hydrog ?    ? A DA  5  N1    ? ? ? 1_555 B DT  8  N3 ? ? A DA  5  B DT  20 1_555 ? ? ? ? ? ? WATSON-CRICK ?     ? ? 
hydrog14 hydrog ?    ? A DA  5  N6    ? ? ? 1_555 B DT  8  O4 ? ? A DA  5  B DT  20 1_555 ? ? ? ? ? ? WATSON-CRICK ?     ? ? 
hydrog15 hydrog ?    ? A DA  6  N1    ? ? ? 1_555 B DT  7  N3 ? ? A DA  6  B DT  19 1_555 ? ? ? ? ? ? WATSON-CRICK ?     ? ? 
hydrog16 hydrog ?    ? A DA  6  N6    ? ? ? 1_555 B DT  7  O4 ? ? A DA  6  B DT  19 1_555 ? ? ? ? ? ? WATSON-CRICK ?     ? ? 
hydrog17 hydrog ?    ? A DT  7  N3    ? ? ? 1_555 B DA  6  N1 ? ? A DT  7  B DA  18 1_555 ? ? ? ? ? ? WATSON-CRICK ?     ? ? 
hydrog18 hydrog ?    ? A DT  7  O4    ? ? ? 1_555 B DA  6  N6 ? ? A DT  7  B DA  18 1_555 ? ? ? ? ? ? WATSON-CRICK ?     ? ? 
hydrog19 hydrog ?    ? A DT  8  N3    ? ? ? 1_555 B DA  5  N1 ? ? A DT  8  B DA  17 1_555 ? ? ? ? ? ? WATSON-CRICK ?     ? ? 
hydrog20 hydrog ?    ? A DT  8  O4    ? ? ? 1_555 B DA  5  N6 ? ? A DT  8  B DA  17 1_555 ? ? ? ? ? ? WATSON-CRICK ?     ? ? 
hydrog21 hydrog ?    ? A DC  9  N3    ? ? ? 1_555 B G36 4  N1 ? ? A DC  9  B G36 16 1_555 ? ? ? ? ? ? WATSON-CRICK ?     ? ? 
hydrog22 hydrog ?    ? A DC  9  N4    ? ? ? 1_555 B G36 4  O6 ? ? A DC  9  B G36 16 1_555 ? ? ? ? ? ? WATSON-CRICK ?     ? ? 
hydrog23 hydrog ?    ? A DC  9  O2    ? ? ? 1_555 B G36 4  N2 ? ? A DC  9  B G36 16 1_555 ? ? ? ? ? ? WATSON-CRICK ?     ? ? 
hydrog24 hydrog ?    ? A DG  10 N1    ? ? ? 1_555 B DC  3  N3 ? ? A DG  10 B DC  15 1_555 ? ? ? ? ? ? WATSON-CRICK ?     ? ? 
hydrog25 hydrog ?    ? A DG  10 N2    ? ? ? 1_555 B DC  3  O2 ? ? A DG  10 B DC  15 1_555 ? ? ? ? ? ? WATSON-CRICK ?     ? ? 
hydrog26 hydrog ?    ? A DG  10 O6    ? ? ? 1_555 B DC  3  N4 ? ? A DG  10 B DC  15 1_555 ? ? ? ? ? ? WATSON-CRICK ?     ? ? 
hydrog27 hydrog ?    ? A DC  11 N3    ? ? ? 1_555 B DG  2  N1 ? ? A DC  11 B DG  14 1_555 ? ? ? ? ? ? WATSON-CRICK ?     ? ? 
hydrog28 hydrog ?    ? A DC  11 N4    ? ? ? 1_555 B DG  2  O6 ? ? A DC  11 B DG  14 1_555 ? ? ? ? ? ? WATSON-CRICK ?     ? ? 
hydrog29 hydrog ?    ? A DC  11 O2    ? ? ? 1_555 B DG  2  N2 ? ? A DC  11 B DG  14 1_555 ? ? ? ? ? ? WATSON-CRICK ?     ? ? 
hydrog30 hydrog ?    ? A DG  12 N1    ? ? ? 1_555 B DC  1  N3 ? ? A DG  12 B DC  13 1_555 ? ? ? ? ? ? WATSON-CRICK ?     ? ? 
hydrog31 hydrog ?    ? A DG  12 N2    ? ? ? 1_555 B DC  1  O2 ? ? A DG  12 B DC  13 1_555 ? ? ? ? ? ? WATSON-CRICK ?     ? ? 
hydrog32 hydrog ?    ? A DG  12 O6    ? ? ? 1_555 B DC  1  N4 ? ? A DG  12 B DC  13 1_555 ? ? ? ? ? ? WATSON-CRICK ?     ? ? 
# 
loop_
_struct_conn_type.id 
_struct_conn_type.criteria 
_struct_conn_type.reference 
covale ? ? 
hydrog ? ? 
# 
loop_
_struct_site.id 
_struct_site.pdbx_evidence_code 
_struct_site.pdbx_auth_asym_id 
_struct_site.pdbx_auth_comp_id 
_struct_site.pdbx_auth_seq_id 
_struct_site.pdbx_auth_ins_code 
_struct_site.pdbx_num_residues 
_struct_site.details 
AC1 Software B SN6 25 ? 14 'BINDING SITE FOR RESIDUE SN6 B 25' 
1   ?        ? ?   ?  ? ?  ?                                   
# 
loop_
_struct_site_gen.id 
_struct_site_gen.site_id 
_struct_site_gen.pdbx_num_res 
_struct_site_gen.label_comp_id 
_struct_site_gen.label_asym_id 
_struct_site_gen.label_seq_id 
_struct_site_gen.pdbx_auth_ins_code 
_struct_site_gen.auth_comp_id 
_struct_site_gen.auth_asym_id 
_struct_site_gen.auth_seq_id 
_struct_site_gen.label_atom_id 
_struct_site_gen.label_alt_id 
_struct_site_gen.symmetry 
_struct_site_gen.details 
1  AC1 14 G36 A 4  ? G36 A 4  . ? 1_555 ? 
2  AC1 14 DA  A 5  ? DA  A 5  . ? 1_555 ? 
3  AC1 14 DA  A 6  ? DA  A 6  . ? 1_555 ? 
4  AC1 14 DT  A 7  ? DT  A 7  . ? 1_555 ? 
5  AC1 14 DT  A 8  ? DT  A 8  . ? 1_555 ? 
6  AC1 14 DC  A 9  ? DC  A 9  . ? 1_555 ? 
7  AC1 14 DG  A 12 ? DG  A 12 . ? 2_565 ? 
8  AC1 14 HOH D .  ? HOH A 90 . ? 1_555 ? 
9  AC1 14 DA  B 6  ? DA  B 18 . ? 1_555 ? 
10 AC1 14 DT  B 7  ? DT  B 19 . ? 1_555 ? 
11 AC1 14 DT  B 8  ? DT  B 20 . ? 1_555 ? 
12 AC1 14 DC  B 9  ? DC  B 21 . ? 1_555 ? 
13 AC1 14 DG  B 10 ? DG  B 22 . ? 1_555 ? 
14 AC1 14 DC  B 11 ? DC  B 23 . ? 1_555 ? 
# 
_pdbx_validate_symm_contact.id                1 
_pdbx_validate_symm_contact.PDB_model_num     1 
_pdbx_validate_symm_contact.auth_atom_id_1    OP1 
_pdbx_validate_symm_contact.auth_asym_id_1    B 
_pdbx_validate_symm_contact.auth_comp_id_1    DT 
_pdbx_validate_symm_contact.auth_seq_id_1     20 
_pdbx_validate_symm_contact.PDB_ins_code_1    ? 
_pdbx_validate_symm_contact.label_alt_id_1    ? 
_pdbx_validate_symm_contact.site_symmetry_1   1_555 
_pdbx_validate_symm_contact.auth_atom_id_2    O 
_pdbx_validate_symm_contact.auth_asym_id_2    B 
_pdbx_validate_symm_contact.auth_comp_id_2    HOH 
_pdbx_validate_symm_contact.auth_seq_id_2     88 
_pdbx_validate_symm_contact.PDB_ins_code_2    ? 
_pdbx_validate_symm_contact.label_alt_id_2    ? 
_pdbx_validate_symm_contact.site_symmetry_2   1_455 
_pdbx_validate_symm_contact.dist              2.18 
# 
loop_
_pdbx_validate_rmsd_bond.id 
_pdbx_validate_rmsd_bond.PDB_model_num 
_pdbx_validate_rmsd_bond.auth_atom_id_1 
_pdbx_validate_rmsd_bond.auth_asym_id_1 
_pdbx_validate_rmsd_bond.auth_comp_id_1 
_pdbx_validate_rmsd_bond.auth_seq_id_1 
_pdbx_validate_rmsd_bond.PDB_ins_code_1 
_pdbx_validate_rmsd_bond.label_alt_id_1 
_pdbx_validate_rmsd_bond.auth_atom_id_2 
_pdbx_validate_rmsd_bond.auth_asym_id_2 
_pdbx_validate_rmsd_bond.auth_comp_id_2 
_pdbx_validate_rmsd_bond.auth_seq_id_2 
_pdbx_validate_rmsd_bond.PDB_ins_code_2 
_pdbx_validate_rmsd_bond.label_alt_id_2 
_pdbx_validate_rmsd_bond.bond_value 
_pdbx_validate_rmsd_bond.bond_target_value 
_pdbx_validate_rmsd_bond.bond_deviation 
_pdbx_validate_rmsd_bond.bond_standard_deviation 
_pdbx_validate_rmsd_bond.linker_flag 
1  1 "C2'" A DC  3  ? ? "C1'" A DC 3  ? ? 1.584 1.519 0.065  0.010 N 
2  1 "O4'" A DT  7  ? ? "C1'" A DT 7  ? ? 1.497 1.420 0.077  0.011 N 
3  1 P     A DT  8  ? ? "O5'" A DT 8  ? ? 1.667 1.593 0.074  0.010 N 
4  1 "C4'" A DT  8  ? ? "C3'" A DT 8  ? ? 1.602 1.529 0.073  0.010 N 
5  1 P     A DC  11 ? ? "O5'" A DC 11 ? ? 1.669 1.593 0.076  0.010 N 
6  1 "C2'" A DC  11 ? ? "C1'" A DC 11 ? ? 1.584 1.519 0.065  0.010 N 
7  1 "O4'" B DC  13 ? ? "C4'" B DC 13 ? ? 1.374 1.446 -0.072 0.010 N 
8  1 "O5'" B DG  14 ? ? "C5'" B DG 14 ? ? 1.550 1.440 0.110  0.016 N 
9  1 N3    B DC  15 ? ? C4    B DC 15 ? ? 1.377 1.335 0.042  0.007 N 
10 1 "O3'" B G36 16 ? ? P     B DA 17 ? ? 1.450 1.607 -0.157 0.012 Y 
11 1 "O3'" B DA  17 ? ? P     B DA 18 ? ? 1.512 1.607 -0.095 0.012 Y 
12 1 P     B DA  18 ? ? "O5'" B DA 18 ? ? 1.657 1.593 0.064  0.010 N 
13 1 "O4'" B DT  19 ? ? "C4'" B DT 19 ? ? 1.374 1.446 -0.072 0.010 N 
14 1 P     B DT  20 ? ? "O5'" B DT 20 ? ? 1.692 1.593 0.099  0.010 N 
# 
loop_
_pdbx_validate_rmsd_angle.id 
_pdbx_validate_rmsd_angle.PDB_model_num 
_pdbx_validate_rmsd_angle.auth_atom_id_1 
_pdbx_validate_rmsd_angle.auth_asym_id_1 
_pdbx_validate_rmsd_angle.auth_comp_id_1 
_pdbx_validate_rmsd_angle.auth_seq_id_1 
_pdbx_validate_rmsd_angle.PDB_ins_code_1 
_pdbx_validate_rmsd_angle.label_alt_id_1 
_pdbx_validate_rmsd_angle.auth_atom_id_2 
_pdbx_validate_rmsd_angle.auth_asym_id_2 
_pdbx_validate_rmsd_angle.auth_comp_id_2 
_pdbx_validate_rmsd_angle.auth_seq_id_2 
_pdbx_validate_rmsd_angle.PDB_ins_code_2 
_pdbx_validate_rmsd_angle.label_alt_id_2 
_pdbx_validate_rmsd_angle.auth_atom_id_3 
_pdbx_validate_rmsd_angle.auth_asym_id_3 
_pdbx_validate_rmsd_angle.auth_comp_id_3 
_pdbx_validate_rmsd_angle.auth_seq_id_3 
_pdbx_validate_rmsd_angle.PDB_ins_code_3 
_pdbx_validate_rmsd_angle.label_alt_id_3 
_pdbx_validate_rmsd_angle.angle_value 
_pdbx_validate_rmsd_angle.angle_target_value 
_pdbx_validate_rmsd_angle.angle_deviation 
_pdbx_validate_rmsd_angle.angle_standard_deviation 
_pdbx_validate_rmsd_angle.linker_flag 
1  1 "O4'" A DC  1  ? ? "C4'" A DC  1  ? ? "C3'" A DC 1  ? ? 97.94  104.50 -6.56  0.40 N 
2  1 "C3'" A DC  1  ? ? "C2'" A DC  1  ? ? "C1'" A DC 1  ? ? 95.68  102.40 -6.72  0.80 N 
3  1 "O5'" A DG  2  ? ? P     A DG  2  ? ? OP2   A DG 2  ? ? 119.16 110.70 8.46   1.20 N 
4  1 "O4'" A DG  2  ? ? "C1'" A DG  2  ? ? N9    A DG 2  ? ? 111.91 108.30 3.61   0.30 N 
5  1 "O5'" A DC  3  ? ? "C5'" A DC  3  ? ? "C4'" A DC 3  ? ? 100.42 109.40 -8.98  0.80 N 
6  1 "C3'" A DC  3  ? ? "C2'" A DC  3  ? ? "C1'" A DC 3  ? ? 95.56  102.40 -6.84  0.80 N 
7  1 "O4'" A DC  3  ? ? "C1'" A DC  3  ? ? N1    A DC 3  ? ? 119.08 108.30 10.78  0.30 N 
8  1 C5    A DC  3  ? ? C6    A DC  3  ? ? N1    A DC 3  ? ? 124.48 121.00 3.48   0.50 N 
9  1 N3    A DC  3  ? ? C2    A DC  3  ? ? O2    A DC 3  ? ? 126.99 121.90 5.09   0.70 N 
10 1 N3    A DC  3  ? ? C4    A DC  3  ? ? N4    A DC 3  ? ? 124.00 118.00 6.00   0.70 N 
11 1 C5    A DC  3  ? ? C4    A DC  3  ? ? N4    A DC 3  ? ? 114.92 120.20 -5.28  0.70 N 
12 1 "C3'" A G36 4  ? ? "O3'" A G36 4  ? ? P     A DA 5  ? ? 140.49 119.70 20.79  1.20 Y 
13 1 "O4'" A DA  5  ? ? "C1'" A DA  5  ? ? N9    A DA 5  ? ? 113.34 108.30 5.04   0.30 N 
14 1 N1    A DA  5  ? ? C2    A DA  5  ? ? N3    A DA 5  ? ? 125.31 129.30 -3.99  0.50 N 
15 1 "C3'" A DA  5  ? ? "O3'" A DA  5  ? ? P     A DA 6  ? ? 130.35 119.70 10.65  1.20 Y 
16 1 "O4'" A DA  6  ? ? "C1'" A DA  6  ? ? "C2'" A DA 6  ? ? 100.95 105.90 -4.95  0.80 N 
17 1 N1    A DA  6  ? ? C6    A DA  6  ? ? N6    A DA 6  ? ? 123.11 118.60 4.51   0.60 N 
18 1 "O5'" A DT  7  ? ? P     A DT  7  ? ? OP2   A DT 7  ? ? 118.72 110.70 8.02   1.20 N 
19 1 C6    A DT  7  ? ? N1    A DT  7  ? ? C2    A DT 7  ? ? 117.92 121.30 -3.38  0.50 N 
20 1 C6    A DT  7  ? ? N1    A DT  7  ? ? "C1'" A DT 7  ? ? 129.51 120.40 9.11   1.50 N 
21 1 P     A DT  8  ? ? "O5'" A DT  8  ? ? "C5'" A DT 8  ? ? 110.68 120.90 -10.22 1.60 N 
22 1 "C4'" A DT  8  ? ? "C3'" A DT  8  ? ? "C2'" A DT 8  ? ? 97.10  102.20 -5.10  0.70 N 
23 1 "C3'" A DT  8  ? ? "C2'" A DT  8  ? ? "C1'" A DT 8  ? ? 97.38  102.40 -5.02  0.80 N 
24 1 "O4'" A DT  8  ? ? "C1'" A DT  8  ? ? N1    A DT 8  ? ? 120.46 108.30 12.16  0.30 N 
25 1 C4    A DT  8  ? ? C5    A DT  8  ? ? C7    A DT 8  ? ? 122.76 119.00 3.76   0.60 N 
26 1 OP1   A DC  9  ? ? P     A DC  9  ? ? OP2   A DC 9  ? ? 110.10 119.60 -9.50  1.50 N 
27 1 "O5'" A DC  9  ? ? P     A DC  9  ? ? OP2   A DC 9  ? ? 118.37 110.70 7.67   1.20 N 
28 1 "C4'" A DC  9  ? ? "C3'" A DC  9  ? ? "C2'" A DC 9  ? ? 97.22  102.20 -4.98  0.70 N 
29 1 "O4'" A DC  9  ? ? "C1'" A DC  9  ? ? N1    A DC 9  ? ? 114.51 108.30 6.21   0.30 N 
30 1 C5    A DC  9  ? ? C6    A DC  9  ? ? N1    A DC 9  ? ? 124.67 121.00 3.67   0.50 N 
31 1 "C3'" A DC  9  ? ? "O3'" A DC  9  ? ? P     A DG 10 ? ? 129.72 119.70 10.02  1.20 Y 
32 1 "O5'" A DG  10 ? ? P     A DG  10 ? ? OP2   A DG 10 ? ? 118.31 110.70 7.61   1.20 N 
33 1 P     A DG  10 ? ? "O5'" A DG  10 ? ? "C5'" A DG 10 ? ? 106.39 120.90 -14.51 1.60 N 
34 1 "O4'" A DG  10 ? ? "C1'" A DG  10 ? ? N9    A DG 10 ? ? 113.37 108.30 5.07   0.30 N 
35 1 C5    A DG  10 ? ? C6    A DG  10 ? ? N1    A DG 10 ? ? 114.74 111.50 3.24   0.50 N 
36 1 C5    A DG  10 ? ? C6    A DG  10 ? ? O6    A DG 10 ? ? 124.36 128.60 -4.24  0.60 N 
37 1 "O4'" A DC  11 ? ? "C1'" A DC  11 ? ? N1    A DC 11 ? ? 121.86 108.30 13.56  0.30 N 
38 1 N3    A DC  11 ? ? C4    A DC  11 ? ? C5    A DC 11 ? ? 119.47 121.90 -2.43  0.40 N 
39 1 "O4'" A DG  12 ? ? "C4'" A DG  12 ? ? "C3'" A DG 12 ? ? 110.41 106.00 4.41   0.60 N 
40 1 "O5'" B DC  13 ? ? "C5'" B DC  13 ? ? "C4'" B DC 13 ? ? 102.89 109.40 -6.51  0.80 N 
41 1 "C3'" B DC  13 ? ? "O3'" B DC  13 ? ? P     B DG 14 ? ? 110.71 119.70 -8.99  1.20 Y 
42 1 OP1   B DG  14 ? ? P     B DG  14 ? ? OP2   B DG 14 ? ? 110.27 119.60 -9.33  1.50 N 
43 1 "O5'" B DG  14 ? ? "C5'" B DG  14 ? ? "C4'" B DG 14 ? ? 99.89  109.40 -9.51  0.80 N 
44 1 "O4'" B DC  15 ? ? "C1'" B DC  15 ? ? N1    B DC 15 ? ? 99.67  108.00 -8.33  0.70 N 
45 1 "C3'" B G36 16 ? ? "O3'" B G36 16 ? ? P     B DA 17 ? ? 156.39 119.70 36.69  1.20 Y 
46 1 "O3'" B G36 16 ? ? P     B DA  17 ? ? "O5'" B DA 17 ? ? 117.53 104.00 13.53  1.90 Y 
47 1 OP1   B DA  17 ? ? P     B DA  17 ? ? OP2   B DA 17 ? ? 101.42 119.60 -18.18 1.50 N 
48 1 "O4'" B DA  17 ? ? "C1'" B DA  17 ? ? N9    B DA 17 ? ? 114.46 108.30 6.16   0.30 N 
49 1 C6    B DA  17 ? ? N1    B DA  17 ? ? C2    B DA 17 ? ? 122.30 118.60 3.70   0.60 N 
50 1 N1    B DA  17 ? ? C2    B DA  17 ? ? N3    B DA 17 ? ? 125.43 129.30 -3.87  0.50 N 
51 1 C5    B DA  17 ? ? C6    B DA  17 ? ? N1    B DA 17 ? ? 114.09 117.70 -3.61  0.50 N 
52 1 "C3'" B DA  17 ? ? "O3'" B DA  17 ? ? P     B DA 18 ? ? 144.64 119.70 24.94  1.20 Y 
53 1 OP1   B DA  18 ? ? P     B DA  18 ? ? OP2   B DA 18 ? ? 105.45 119.60 -14.15 1.50 N 
54 1 P     B DA  18 ? ? "O5'" B DA  18 ? ? "C5'" B DA 18 ? ? 104.41 120.90 -16.49 1.60 N 
55 1 "O4'" B DA  18 ? ? "C4'" B DA  18 ? ? "C3'" B DA 18 ? ? 101.66 104.50 -2.84  0.40 N 
56 1 "C3'" B DA  18 ? ? "C2'" B DA  18 ? ? "C1'" B DA 18 ? ? 94.35  102.40 -8.05  0.80 N 
57 1 "O4'" B DA  18 ? ? "C1'" B DA  18 ? ? "C2'" B DA 18 ? ? 98.82  105.90 -7.08  0.80 N 
58 1 "O4'" B DA  18 ? ? "C1'" B DA  18 ? ? N9    B DA 18 ? ? 113.94 108.30 5.64   0.30 N 
59 1 C6    B DA  18 ? ? N1    B DA  18 ? ? C2    B DA 18 ? ? 123.86 118.60 5.26   0.60 N 
60 1 N1    B DA  18 ? ? C2    B DA  18 ? ? N3    B DA 18 ? ? 124.13 129.30 -5.17  0.50 N 
61 1 N1    B DA  18 ? ? C6    B DA  18 ? ? N6    B DA 18 ? ? 125.85 118.60 7.25   0.60 N 
62 1 "O5'" B DT  19 ? ? "C5'" B DT  19 ? ? "C4'" B DT 19 ? ? 99.68  109.40 -9.72  0.80 N 
63 1 P     B DT  19 ? ? "O5'" B DT  19 ? ? "C5'" B DT 19 ? ? 110.82 120.90 -10.08 1.60 N 
64 1 "C1'" B DT  19 ? ? "O4'" B DT  19 ? ? "C4'" B DT 19 ? ? 116.95 110.30 6.65   0.70 N 
65 1 "O4'" B DT  19 ? ? "C1'" B DT  19 ? ? "C2'" B DT 19 ? ? 98.30  105.90 -7.60  0.80 N 
66 1 N1    B DT  19 ? ? C2    B DT  19 ? ? N3    B DT 19 ? ? 119.48 114.60 4.88   0.60 N 
67 1 C2    B DT  19 ? ? N3    B DT  19 ? ? C4    B DT 19 ? ? 120.92 127.20 -6.28  0.60 N 
68 1 N3    B DT  19 ? ? C2    B DT  19 ? ? O2    B DT 19 ? ? 116.60 122.30 -5.70  0.60 N 
69 1 N3    B DT  19 ? ? C4    B DT  19 ? ? O4    B DT 19 ? ? 116.00 119.90 -3.90  0.60 N 
70 1 "C3'" B DT  19 ? ? "O3'" B DT  19 ? ? P     B DT 20 ? ? 112.49 119.70 -7.21  1.20 Y 
71 1 "O3'" B DT  19 ? ? P     B DT  20 ? ? OP1   B DT 20 ? ? 123.21 110.50 12.71  1.10 Y 
72 1 P     B DT  20 ? ? "O5'" B DT  20 ? ? "C5'" B DT 20 ? ? 105.57 120.90 -15.33 1.60 N 
73 1 "C5'" B DT  20 ? ? "C4'" B DT  20 ? ? "C3'" B DT 20 ? ? 123.30 115.70 7.60   1.20 N 
74 1 "O4'" B DC  21 ? ? "C4'" B DC  21 ? ? "C3'" B DC 21 ? ? 101.66 104.50 -2.84  0.40 N 
75 1 "C3'" B DC  21 ? ? "C2'" B DC  21 ? ? "C1'" B DC 21 ? ? 96.36  102.40 -6.04  0.80 N 
76 1 N3    B DC  21 ? ? C4    B DC  21 ? ? N4    B DC 21 ? ? 125.36 118.00 7.36   0.70 N 
77 1 C5    B DC  21 ? ? C4    B DC  21 ? ? N4    B DC 21 ? ? 114.56 120.20 -5.64  0.70 N 
78 1 OP1   B DG  22 ? ? P     B DG  22 ? ? OP2   B DG 22 ? ? 108.30 119.60 -11.30 1.50 N 
79 1 P     B DG  22 ? ? "O5'" B DG  22 ? ? "C5'" B DG 22 ? ? 131.29 120.90 10.39  1.60 N 
80 1 "O4'" B DG  22 ? ? "C1'" B DG  22 ? ? "C2'" B DG 22 ? ? 99.71  105.90 -6.19  0.80 N 
81 1 "O4'" B DG  22 ? ? "C1'" B DG  22 ? ? N9    B DG 22 ? ? 120.71 108.30 12.41  0.30 N 
82 1 C5    B DG  22 ? ? C6    B DG  22 ? ? N1    B DG 22 ? ? 116.02 111.50 4.52   0.50 N 
83 1 N1    B DG  22 ? ? C6    B DG  22 ? ? O6    B DG 22 ? ? 115.99 119.90 -3.91  0.60 N 
84 1 "C4'" B DC  23 ? ? "C3'" B DC  23 ? ? "C2'" B DC 23 ? ? 97.70  102.20 -4.50  0.70 N 
85 1 C2    B DC  23 ? ? N3    B DC  23 ? ? C4    B DC 23 ? ? 123.45 119.90 3.55   0.50 N 
86 1 N3    B DC  23 ? ? C4    B DC  23 ? ? C5    B DC 23 ? ? 119.17 121.90 -2.73  0.40 N 
87 1 C5    B DC  23 ? ? C6    B DC  23 ? ? N1    B DC 23 ? ? 124.47 121.00 3.47   0.50 N 
88 1 N1    B DC  23 ? ? C2    B DC  23 ? ? O2    B DC 23 ? ? 123.21 118.90 4.31   0.60 N 
89 1 N3    B DC  23 ? ? C4    B DC  23 ? ? N4    B DC 23 ? ? 122.32 118.00 4.32   0.70 N 
90 1 "O5'" B DG  24 ? ? "C5'" B DG  24 ? ? "C4'" B DG 24 ? ? 100.70 109.40 -8.70  0.80 N 
91 1 "O4'" B DG  24 ? ? "C1'" B DG  24 ? ? N9    B DG 24 ? ? 111.80 108.30 3.50   0.30 N 
92 1 C6    B DG  24 ? ? N1    B DG  24 ? ? C2    B DG 24 ? ? 121.04 125.10 -4.06  0.60 N 
93 1 C5    B DG  24 ? ? C6    B DG  24 ? ? N1    B DG 24 ? ? 114.72 111.50 3.22   0.50 N 
# 
loop_
_pdbx_struct_mod_residue.id 
_pdbx_struct_mod_residue.label_asym_id 
_pdbx_struct_mod_residue.label_comp_id 
_pdbx_struct_mod_residue.label_seq_id 
_pdbx_struct_mod_residue.auth_asym_id 
_pdbx_struct_mod_residue.auth_comp_id 
_pdbx_struct_mod_residue.auth_seq_id 
_pdbx_struct_mod_residue.PDB_ins_code 
_pdbx_struct_mod_residue.parent_comp_id 
_pdbx_struct_mod_residue.details 
1 A G36 4 A G36 4  ? DG ? 
2 B G36 4 B G36 16 ? DG ? 
# 
_struct_site_keywords.site_id   1 
_struct_site_keywords.text      'MINOR GROOVE BINDER' 
# 
loop_
_refine_B_iso.class 
_refine_B_iso.details 
_refine_B_iso.treatment 
_refine_B_iso.pdbx_refine_id 
'ALL ATOMS'  TR isotropic 'X-RAY DIFFRACTION' 
'ALL WATERS' TR isotropic 'X-RAY DIFFRACTION' 
# 
loop_
_refine_occupancy.class 
_refine_occupancy.treatment 
_refine_occupancy.pdbx_refine_id 
'ALL ATOMS'  fix 'X-RAY DIFFRACTION' 
'ALL WATERS' fix 'X-RAY DIFFRACTION' 
# 
loop_
_chem_comp_atom.comp_id 
_chem_comp_atom.atom_id 
_chem_comp_atom.type_symbol 
_chem_comp_atom.pdbx_aromatic_flag 
_chem_comp_atom.pdbx_stereo_config 
_chem_comp_atom.pdbx_ordinal 
DA  OP3    O N N 1   
DA  P      P N N 2   
DA  OP1    O N N 3   
DA  OP2    O N N 4   
DA  "O5'"  O N N 5   
DA  "C5'"  C N N 6   
DA  "C4'"  C N R 7   
DA  "O4'"  O N N 8   
DA  "C3'"  C N S 9   
DA  "O3'"  O N N 10  
DA  "C2'"  C N N 11  
DA  "C1'"  C N R 12  
DA  N9     N Y N 13  
DA  C8     C Y N 14  
DA  N7     N Y N 15  
DA  C5     C Y N 16  
DA  C6     C Y N 17  
DA  N6     N N N 18  
DA  N1     N Y N 19  
DA  C2     C Y N 20  
DA  N3     N Y N 21  
DA  C4     C Y N 22  
DA  HOP3   H N N 23  
DA  HOP2   H N N 24  
DA  "H5'"  H N N 25  
DA  "H5''" H N N 26  
DA  "H4'"  H N N 27  
DA  "H3'"  H N N 28  
DA  "HO3'" H N N 29  
DA  "H2'"  H N N 30  
DA  "H2''" H N N 31  
DA  "H1'"  H N N 32  
DA  H8     H N N 33  
DA  H61    H N N 34  
DA  H62    H N N 35  
DA  H2     H N N 36  
DC  OP3    O N N 37  
DC  P      P N N 38  
DC  OP1    O N N 39  
DC  OP2    O N N 40  
DC  "O5'"  O N N 41  
DC  "C5'"  C N N 42  
DC  "C4'"  C N R 43  
DC  "O4'"  O N N 44  
DC  "C3'"  C N S 45  
DC  "O3'"  O N N 46  
DC  "C2'"  C N N 47  
DC  "C1'"  C N R 48  
DC  N1     N N N 49  
DC  C2     C N N 50  
DC  O2     O N N 51  
DC  N3     N N N 52  
DC  C4     C N N 53  
DC  N4     N N N 54  
DC  C5     C N N 55  
DC  C6     C N N 56  
DC  HOP3   H N N 57  
DC  HOP2   H N N 58  
DC  "H5'"  H N N 59  
DC  "H5''" H N N 60  
DC  "H4'"  H N N 61  
DC  "H3'"  H N N 62  
DC  "HO3'" H N N 63  
DC  "H2'"  H N N 64  
DC  "H2''" H N N 65  
DC  "H1'"  H N N 66  
DC  H41    H N N 67  
DC  H42    H N N 68  
DC  H5     H N N 69  
DC  H6     H N N 70  
DG  OP3    O N N 71  
DG  P      P N N 72  
DG  OP1    O N N 73  
DG  OP2    O N N 74  
DG  "O5'"  O N N 75  
DG  "C5'"  C N N 76  
DG  "C4'"  C N R 77  
DG  "O4'"  O N N 78  
DG  "C3'"  C N S 79  
DG  "O3'"  O N N 80  
DG  "C2'"  C N N 81  
DG  "C1'"  C N R 82  
DG  N9     N Y N 83  
DG  C8     C Y N 84  
DG  N7     N Y N 85  
DG  C5     C Y N 86  
DG  C6     C N N 87  
DG  O6     O N N 88  
DG  N1     N N N 89  
DG  C2     C N N 90  
DG  N2     N N N 91  
DG  N3     N N N 92  
DG  C4     C Y N 93  
DG  HOP3   H N N 94  
DG  HOP2   H N N 95  
DG  "H5'"  H N N 96  
DG  "H5''" H N N 97  
DG  "H4'"  H N N 98  
DG  "H3'"  H N N 99  
DG  "HO3'" H N N 100 
DG  "H2'"  H N N 101 
DG  "H2''" H N N 102 
DG  "H1'"  H N N 103 
DG  H8     H N N 104 
DG  H1     H N N 105 
DG  H21    H N N 106 
DG  H22    H N N 107 
DT  OP3    O N N 108 
DT  P      P N N 109 
DT  OP1    O N N 110 
DT  OP2    O N N 111 
DT  "O5'"  O N N 112 
DT  "C5'"  C N N 113 
DT  "C4'"  C N R 114 
DT  "O4'"  O N N 115 
DT  "C3'"  C N S 116 
DT  "O3'"  O N N 117 
DT  "C2'"  C N N 118 
DT  "C1'"  C N R 119 
DT  N1     N N N 120 
DT  C2     C N N 121 
DT  O2     O N N 122 
DT  N3     N N N 123 
DT  C4     C N N 124 
DT  O4     O N N 125 
DT  C5     C N N 126 
DT  C7     C N N 127 
DT  C6     C N N 128 
DT  HOP3   H N N 129 
DT  HOP2   H N N 130 
DT  "H5'"  H N N 131 
DT  "H5''" H N N 132 
DT  "H4'"  H N N 133 
DT  "H3'"  H N N 134 
DT  "HO3'" H N N 135 
DT  "H2'"  H N N 136 
DT  "H2''" H N N 137 
DT  "H1'"  H N N 138 
DT  H3     H N N 139 
DT  H71    H N N 140 
DT  H72    H N N 141 
DT  H73    H N N 142 
DT  H6     H N N 143 
G36 P      P N N 144 
G36 O1P    O N N 145 
G36 O2P    O N N 146 
G36 O3P    O N N 147 
G36 "O5'"  O N N 148 
G36 "C5'"  C N N 149 
G36 "C4'"  C N R 150 
G36 "O4'"  O N N 151 
G36 "C3'"  C N S 152 
G36 "O3'"  O N N 153 
G36 "C2'"  C N N 154 
G36 CM2    C N N 155 
G36 "C1'"  C N R 156 
G36 N9     N Y N 157 
G36 C8     C Y N 158 
G36 N7     N Y N 159 
G36 C5     C Y N 160 
G36 C6     C Y N 161 
G36 O6     O N N 162 
G36 N1     N Y N 163 
G36 C2     C Y N 164 
G36 N2     N N N 165 
G36 C1M    C N N 166 
G36 N3     N Y N 167 
G36 C4     C Y N 168 
G36 H2P    H N N 169 
G36 H3P    H N N 170 
G36 "H5'1" H N N 171 
G36 "H5'2" H N N 172 
G36 "H4'"  H N N 173 
G36 "H3'"  H N N 174 
G36 HA     H N N 175 
G36 "H2'1" H N N 176 
G36 "H2'2" H N N 177 
G36 HM21   H N N 178 
G36 HM22   H N N 179 
G36 HM23   H N N 180 
G36 "H1'"  H N N 181 
G36 H8     H N N 182 
G36 H2N1   H N N 183 
G36 H2N2   H N N 184 
G36 H1M1   H N N 185 
G36 H1M2   H N N 186 
HOH O      O N N 187 
HOH H1     H N N 188 
HOH H2     H N N 189 
SN6 C1     C Y N 190 
SN6 C2     C Y N 191 
SN6 C3     C Y N 192 
SN6 C4     C Y N 193 
SN6 C5     C Y N 194 
SN6 C6     C Y N 195 
SN6 N7     N Y N 196 
SN6 C8     C Y N 197 
SN6 C9     C Y N 198 
SN6 C10    C Y N 199 
SN6 N11    N N N 200 
SN6 C12    C Y N 201 
SN6 C13    C Y N 202 
SN6 C14    C Y N 203 
SN6 C15    C Y N 204 
SN6 C16    C Y N 205 
SN6 C17    C Y N 206 
SN6 C18    C N N 207 
SN6 O19    O N N 208 
SN6 N20    N N N 209 
SN6 C21    C Y N 210 
SN6 C22    C Y N 211 
SN6 C23    C Y N 212 
SN6 C24    C Y N 213 
SN6 C25    C Y N 214 
SN6 C26    C Y N 215 
SN6 N27    N N N 216 
SN6 C28    C Y N 217 
SN6 C29    C Y N 218 
SN6 C30    C Y N 219 
SN6 N31    N Y N 220 
SN6 C32    C Y N 221 
SN6 C33    C Y N 222 
SN6 C34    C N N 223 
SN6 C35    C N N 224 
SN6 H1     H N N 225 
SN6 H2     H N N 226 
SN6 H5     H N N 227 
SN6 H6     H N N 228 
SN6 H8     H N N 229 
SN6 H9     H N N 230 
SN6 HN1    H N N 231 
SN6 H13    H N N 232 
SN6 H14    H N N 233 
SN6 H16    H N N 234 
SN6 H17    H N N 235 
SN6 HN2    H N N 236 
SN6 H22    H N N 237 
SN6 H23    H N N 238 
SN6 H25    H N N 239 
SN6 H26    H N N 240 
SN6 HN7    H N N 241 
SN6 H29    H N N 242 
SN6 H30    H N N 243 
SN6 H32    H N N 244 
SN6 H33    H N N 245 
SN6 H341   H N N 246 
SN6 H342   H N N 247 
SN6 H343   H N N 248 
SN6 H351   H N N 249 
SN6 H352   H N N 250 
SN6 H353   H N N 251 
# 
loop_
_chem_comp_bond.comp_id 
_chem_comp_bond.atom_id_1 
_chem_comp_bond.atom_id_2 
_chem_comp_bond.value_order 
_chem_comp_bond.pdbx_aromatic_flag 
_chem_comp_bond.pdbx_stereo_config 
_chem_comp_bond.pdbx_ordinal 
DA  OP3   P      sing N N 1   
DA  OP3   HOP3   sing N N 2   
DA  P     OP1    doub N N 3   
DA  P     OP2    sing N N 4   
DA  P     "O5'"  sing N N 5   
DA  OP2   HOP2   sing N N 6   
DA  "O5'" "C5'"  sing N N 7   
DA  "C5'" "C4'"  sing N N 8   
DA  "C5'" "H5'"  sing N N 9   
DA  "C5'" "H5''" sing N N 10  
DA  "C4'" "O4'"  sing N N 11  
DA  "C4'" "C3'"  sing N N 12  
DA  "C4'" "H4'"  sing N N 13  
DA  "O4'" "C1'"  sing N N 14  
DA  "C3'" "O3'"  sing N N 15  
DA  "C3'" "C2'"  sing N N 16  
DA  "C3'" "H3'"  sing N N 17  
DA  "O3'" "HO3'" sing N N 18  
DA  "C2'" "C1'"  sing N N 19  
DA  "C2'" "H2'"  sing N N 20  
DA  "C2'" "H2''" sing N N 21  
DA  "C1'" N9     sing N N 22  
DA  "C1'" "H1'"  sing N N 23  
DA  N9    C8     sing Y N 24  
DA  N9    C4     sing Y N 25  
DA  C8    N7     doub Y N 26  
DA  C8    H8     sing N N 27  
DA  N7    C5     sing Y N 28  
DA  C5    C6     sing Y N 29  
DA  C5    C4     doub Y N 30  
DA  C6    N6     sing N N 31  
DA  C6    N1     doub Y N 32  
DA  N6    H61    sing N N 33  
DA  N6    H62    sing N N 34  
DA  N1    C2     sing Y N 35  
DA  C2    N3     doub Y N 36  
DA  C2    H2     sing N N 37  
DA  N3    C4     sing Y N 38  
DC  OP3   P      sing N N 39  
DC  OP3   HOP3   sing N N 40  
DC  P     OP1    doub N N 41  
DC  P     OP2    sing N N 42  
DC  P     "O5'"  sing N N 43  
DC  OP2   HOP2   sing N N 44  
DC  "O5'" "C5'"  sing N N 45  
DC  "C5'" "C4'"  sing N N 46  
DC  "C5'" "H5'"  sing N N 47  
DC  "C5'" "H5''" sing N N 48  
DC  "C4'" "O4'"  sing N N 49  
DC  "C4'" "C3'"  sing N N 50  
DC  "C4'" "H4'"  sing N N 51  
DC  "O4'" "C1'"  sing N N 52  
DC  "C3'" "O3'"  sing N N 53  
DC  "C3'" "C2'"  sing N N 54  
DC  "C3'" "H3'"  sing N N 55  
DC  "O3'" "HO3'" sing N N 56  
DC  "C2'" "C1'"  sing N N 57  
DC  "C2'" "H2'"  sing N N 58  
DC  "C2'" "H2''" sing N N 59  
DC  "C1'" N1     sing N N 60  
DC  "C1'" "H1'"  sing N N 61  
DC  N1    C2     sing N N 62  
DC  N1    C6     sing N N 63  
DC  C2    O2     doub N N 64  
DC  C2    N3     sing N N 65  
DC  N3    C4     doub N N 66  
DC  C4    N4     sing N N 67  
DC  C4    C5     sing N N 68  
DC  N4    H41    sing N N 69  
DC  N4    H42    sing N N 70  
DC  C5    C6     doub N N 71  
DC  C5    H5     sing N N 72  
DC  C6    H6     sing N N 73  
DG  OP3   P      sing N N 74  
DG  OP3   HOP3   sing N N 75  
DG  P     OP1    doub N N 76  
DG  P     OP2    sing N N 77  
DG  P     "O5'"  sing N N 78  
DG  OP2   HOP2   sing N N 79  
DG  "O5'" "C5'"  sing N N 80  
DG  "C5'" "C4'"  sing N N 81  
DG  "C5'" "H5'"  sing N N 82  
DG  "C5'" "H5''" sing N N 83  
DG  "C4'" "O4'"  sing N N 84  
DG  "C4'" "C3'"  sing N N 85  
DG  "C4'" "H4'"  sing N N 86  
DG  "O4'" "C1'"  sing N N 87  
DG  "C3'" "O3'"  sing N N 88  
DG  "C3'" "C2'"  sing N N 89  
DG  "C3'" "H3'"  sing N N 90  
DG  "O3'" "HO3'" sing N N 91  
DG  "C2'" "C1'"  sing N N 92  
DG  "C2'" "H2'"  sing N N 93  
DG  "C2'" "H2''" sing N N 94  
DG  "C1'" N9     sing N N 95  
DG  "C1'" "H1'"  sing N N 96  
DG  N9    C8     sing Y N 97  
DG  N9    C4     sing Y N 98  
DG  C8    N7     doub Y N 99  
DG  C8    H8     sing N N 100 
DG  N7    C5     sing Y N 101 
DG  C5    C6     sing N N 102 
DG  C5    C4     doub Y N 103 
DG  C6    O6     doub N N 104 
DG  C6    N1     sing N N 105 
DG  N1    C2     sing N N 106 
DG  N1    H1     sing N N 107 
DG  C2    N2     sing N N 108 
DG  C2    N3     doub N N 109 
DG  N2    H21    sing N N 110 
DG  N2    H22    sing N N 111 
DG  N3    C4     sing N N 112 
DT  OP3   P      sing N N 113 
DT  OP3   HOP3   sing N N 114 
DT  P     OP1    doub N N 115 
DT  P     OP2    sing N N 116 
DT  P     "O5'"  sing N N 117 
DT  OP2   HOP2   sing N N 118 
DT  "O5'" "C5'"  sing N N 119 
DT  "C5'" "C4'"  sing N N 120 
DT  "C5'" "H5'"  sing N N 121 
DT  "C5'" "H5''" sing N N 122 
DT  "C4'" "O4'"  sing N N 123 
DT  "C4'" "C3'"  sing N N 124 
DT  "C4'" "H4'"  sing N N 125 
DT  "O4'" "C1'"  sing N N 126 
DT  "C3'" "O3'"  sing N N 127 
DT  "C3'" "C2'"  sing N N 128 
DT  "C3'" "H3'"  sing N N 129 
DT  "O3'" "HO3'" sing N N 130 
DT  "C2'" "C1'"  sing N N 131 
DT  "C2'" "H2'"  sing N N 132 
DT  "C2'" "H2''" sing N N 133 
DT  "C1'" N1     sing N N 134 
DT  "C1'" "H1'"  sing N N 135 
DT  N1    C2     sing N N 136 
DT  N1    C6     sing N N 137 
DT  C2    O2     doub N N 138 
DT  C2    N3     sing N N 139 
DT  N3    C4     sing N N 140 
DT  N3    H3     sing N N 141 
DT  C4    O4     doub N N 142 
DT  C4    C5     sing N N 143 
DT  C5    C7     sing N N 144 
DT  C5    C6     doub N N 145 
DT  C7    H71    sing N N 146 
DT  C7    H72    sing N N 147 
DT  C7    H73    sing N N 148 
DT  C6    H6     sing N N 149 
G36 P     O1P    doub N N 150 
G36 P     O2P    sing N N 151 
G36 P     O3P    sing N N 152 
G36 P     "O5'"  sing N N 153 
G36 O2P   H2P    sing N N 154 
G36 O3P   H3P    sing N N 155 
G36 "O5'" "C5'"  sing N N 156 
G36 "C5'" "C4'"  sing N N 157 
G36 "C5'" "H5'1" sing N N 158 
G36 "C5'" "H5'2" sing N N 159 
G36 "C4'" "O4'"  sing N N 160 
G36 "C4'" "C3'"  sing N N 161 
G36 "C4'" "H4'"  sing N N 162 
G36 "O4'" "C1'"  sing N N 163 
G36 "C3'" "O3'"  sing N N 164 
G36 "C3'" "C2'"  sing N N 165 
G36 "C3'" "H3'"  sing N N 166 
G36 "O3'" HA     sing N N 167 
G36 "C2'" "C1'"  sing N N 168 
G36 "C2'" "H2'1" sing N N 169 
G36 "C2'" "H2'2" sing N N 170 
G36 CM2   C1M    sing N N 171 
G36 CM2   HM21   sing N N 172 
G36 CM2   HM22   sing N N 173 
G36 CM2   HM23   sing N N 174 
G36 "C1'" N9     sing N N 175 
G36 "C1'" "H1'"  sing N N 176 
G36 N9    C8     sing Y N 177 
G36 N9    C4     sing Y N 178 
G36 C8    N7     doub Y N 179 
G36 C8    H8     sing N N 180 
G36 N7    C5     sing Y N 181 
G36 C5    C6     doub Y N 182 
G36 C5    C4     sing Y N 183 
G36 C6    O6     sing N N 184 
G36 C6    N1     sing Y N 185 
G36 O6    C1M    sing N N 186 
G36 N1    C2     doub Y N 187 
G36 C2    N2     sing N N 188 
G36 C2    N3     sing Y N 189 
G36 N2    H2N1   sing N N 190 
G36 N2    H2N2   sing N N 191 
G36 C1M   H1M1   sing N N 192 
G36 C1M   H1M2   sing N N 193 
G36 N3    C4     doub Y N 194 
HOH O     H1     sing N N 195 
HOH O     H2     sing N N 196 
SN6 C1    C2     doub Y N 197 
SN6 C1    C6     sing Y N 198 
SN6 C1    H1     sing N N 199 
SN6 C2    C3     sing Y N 200 
SN6 C2    H2     sing N N 201 
SN6 C3    C4     doub Y N 202 
SN6 C3    N7     sing Y N 203 
SN6 C4    C5     sing Y N 204 
SN6 C4    C10    sing Y N 205 
SN6 C5    C6     doub Y N 206 
SN6 C5    H5     sing N N 207 
SN6 C6    H6     sing N N 208 
SN6 N7    C8     doub Y N 209 
SN6 N7    C35    sing N N 210 
SN6 C8    C9     sing Y N 211 
SN6 C8    H8     sing N N 212 
SN6 C9    C10    doub Y N 213 
SN6 C9    H9     sing N N 214 
SN6 C10   N11    sing N N 215 
SN6 N11   C12    sing N N 216 
SN6 N11   HN1    sing N N 217 
SN6 C12   C13    doub Y N 218 
SN6 C12   C17    sing Y N 219 
SN6 C13   C14    sing Y N 220 
SN6 C13   H13    sing N N 221 
SN6 C14   C15    doub Y N 222 
SN6 C14   H14    sing N N 223 
SN6 C15   C16    sing Y N 224 
SN6 C15   C18    sing N N 225 
SN6 C16   C17    doub Y N 226 
SN6 C16   H16    sing N N 227 
SN6 C17   H17    sing N N 228 
SN6 C18   O19    doub N N 229 
SN6 C18   N20    sing N N 230 
SN6 N20   C21    sing N N 231 
SN6 N20   HN2    sing N N 232 
SN6 C21   C22    doub Y N 233 
SN6 C21   C26    sing Y N 234 
SN6 C22   C23    sing Y N 235 
SN6 C22   H22    sing N N 236 
SN6 C23   C24    doub Y N 237 
SN6 C23   H23    sing N N 238 
SN6 C24   C25    sing Y N 239 
SN6 C24   N27    sing N N 240 
SN6 C25   C26    doub Y N 241 
SN6 C25   H25    sing N N 242 
SN6 C26   H26    sing N N 243 
SN6 N27   C28    sing N N 244 
SN6 N27   HN7    sing N N 245 
SN6 C28   C29    doub Y N 246 
SN6 C28   C33    sing Y N 247 
SN6 C29   C30    sing Y N 248 
SN6 C29   H29    sing N N 249 
SN6 C30   N31    doub Y N 250 
SN6 C30   H30    sing N N 251 
SN6 N31   C32    sing Y N 252 
SN6 N31   C34    sing N N 253 
SN6 C32   C33    doub Y N 254 
SN6 C32   H32    sing N N 255 
SN6 C33   H33    sing N N 256 
SN6 C34   H341   sing N N 257 
SN6 C34   H342   sing N N 258 
SN6 C34   H343   sing N N 259 
SN6 C35   H351   sing N N 260 
SN6 C35   H352   sing N N 261 
SN6 C35   H353   sing N N 262 
# 
loop_
_ndb_struct_conf_na.entry_id 
_ndb_struct_conf_na.feature 
144D 'double helix'        
144D 'b-form double helix' 
# 
loop_
_ndb_struct_na_base_pair.model_number 
_ndb_struct_na_base_pair.i_label_asym_id 
_ndb_struct_na_base_pair.i_label_comp_id 
_ndb_struct_na_base_pair.i_label_seq_id 
_ndb_struct_na_base_pair.i_symmetry 
_ndb_struct_na_base_pair.j_label_asym_id 
_ndb_struct_na_base_pair.j_label_comp_id 
_ndb_struct_na_base_pair.j_label_seq_id 
_ndb_struct_na_base_pair.j_symmetry 
_ndb_struct_na_base_pair.shear 
_ndb_struct_na_base_pair.stretch 
_ndb_struct_na_base_pair.stagger 
_ndb_struct_na_base_pair.buckle 
_ndb_struct_na_base_pair.propeller 
_ndb_struct_na_base_pair.opening 
_ndb_struct_na_base_pair.pair_number 
_ndb_struct_na_base_pair.pair_name 
_ndb_struct_na_base_pair.i_auth_asym_id 
_ndb_struct_na_base_pair.i_auth_seq_id 
_ndb_struct_na_base_pair.i_PDB_ins_code 
_ndb_struct_na_base_pair.j_auth_asym_id 
_ndb_struct_na_base_pair.j_auth_seq_id 
_ndb_struct_na_base_pair.j_PDB_ins_code 
_ndb_struct_na_base_pair.hbond_type_28 
_ndb_struct_na_base_pair.hbond_type_12 
1 A DC  1  1_555 B DG  12 1_555 0.078  -0.056 0.231  -8.605  -3.201  -2.868 1  A_DC1:DG24_B  A 1  ? B 24 ? 19 1 
1 A DG  2  1_555 B DC  11 1_555 0.290  -0.211 0.167  4.582   -17.716 -7.193 2  A_DG2:DC23_B  A 2  ? B 23 ? 19 1 
1 A DC  3  1_555 B DG  10 1_555 0.001  -0.327 0.469  -7.193  -6.780  -4.923 3  A_DC3:DG22_B  A 3  ? B 22 ? 19 1 
1 A G36 4  1_555 B DC  9  1_555 -0.973 -0.717 -0.019 9.802   -6.525  -7.061 4  A_G364:DC21_B A 4  ? B 21 ? 19 1 
1 A DA  5  1_555 B DT  8  1_555 -0.528 -0.248 0.015  -1.022  -11.806 3.633  5  A_DA5:DT20_B  A 5  ? B 20 ? 20 1 
1 A DA  6  1_555 B DT  7  1_555 -0.189 -0.098 -0.073 0.209   -10.025 -4.025 6  A_DA6:DT19_B  A 6  ? B 19 ? 20 1 
1 A DT  7  1_555 B DA  6  1_555 0.308  -0.328 -0.219 8.900   -17.758 1.174  7  A_DT7:DA18_B  A 7  ? B 18 ? 20 1 
1 A DT  8  1_555 B DA  5  1_555 0.107  -0.167 0.277  -11.682 -3.878  2.909  8  A_DT8:DA17_B  A 8  ? B 17 ? 20 1 
1 A DC  9  1_555 B G36 4  1_555 -1.093 -0.429 0.106  -1.559  -13.443 -4.312 9  A_DC9:G3616_B A 9  ? B 16 ? 19 1 
1 A DG  10 1_555 B DC  3  1_555 -0.629 -0.289 0.099  -4.128  -3.989  1.808  10 A_DG10:DC15_B A 10 ? B 15 ? 19 1 
1 A DC  11 1_555 B DG  2  1_555 0.108  -0.251 0.498  -5.013  -13.543 -3.042 11 A_DC11:DG14_B A 11 ? B 14 ? 19 1 
1 A DG  12 1_555 B DC  1  1_555 0.263  -0.220 1.105  16.267  -11.589 -4.538 12 A_DG12:DC13_B A 12 ? B 13 ? 19 1 
# 
loop_
_ndb_struct_na_base_pair_step.model_number 
_ndb_struct_na_base_pair_step.i_label_asym_id_1 
_ndb_struct_na_base_pair_step.i_label_comp_id_1 
_ndb_struct_na_base_pair_step.i_label_seq_id_1 
_ndb_struct_na_base_pair_step.i_symmetry_1 
_ndb_struct_na_base_pair_step.j_label_asym_id_1 
_ndb_struct_na_base_pair_step.j_label_comp_id_1 
_ndb_struct_na_base_pair_step.j_label_seq_id_1 
_ndb_struct_na_base_pair_step.j_symmetry_1 
_ndb_struct_na_base_pair_step.i_label_asym_id_2 
_ndb_struct_na_base_pair_step.i_label_comp_id_2 
_ndb_struct_na_base_pair_step.i_label_seq_id_2 
_ndb_struct_na_base_pair_step.i_symmetry_2 
_ndb_struct_na_base_pair_step.j_label_asym_id_2 
_ndb_struct_na_base_pair_step.j_label_comp_id_2 
_ndb_struct_na_base_pair_step.j_label_seq_id_2 
_ndb_struct_na_base_pair_step.j_symmetry_2 
_ndb_struct_na_base_pair_step.shift 
_ndb_struct_na_base_pair_step.slide 
_ndb_struct_na_base_pair_step.rise 
_ndb_struct_na_base_pair_step.tilt 
_ndb_struct_na_base_pair_step.roll 
_ndb_struct_na_base_pair_step.twist 
_ndb_struct_na_base_pair_step.x_displacement 
_ndb_struct_na_base_pair_step.y_displacement 
_ndb_struct_na_base_pair_step.helical_rise 
_ndb_struct_na_base_pair_step.inclination 
_ndb_struct_na_base_pair_step.tip 
_ndb_struct_na_base_pair_step.helical_twist 
_ndb_struct_na_base_pair_step.step_number 
_ndb_struct_na_base_pair_step.step_name 
_ndb_struct_na_base_pair_step.i_auth_asym_id_1 
_ndb_struct_na_base_pair_step.i_auth_seq_id_1 
_ndb_struct_na_base_pair_step.i_PDB_ins_code_1 
_ndb_struct_na_base_pair_step.j_auth_asym_id_1 
_ndb_struct_na_base_pair_step.j_auth_seq_id_1 
_ndb_struct_na_base_pair_step.j_PDB_ins_code_1 
_ndb_struct_na_base_pair_step.i_auth_asym_id_2 
_ndb_struct_na_base_pair_step.i_auth_seq_id_2 
_ndb_struct_na_base_pair_step.i_PDB_ins_code_2 
_ndb_struct_na_base_pair_step.j_auth_asym_id_2 
_ndb_struct_na_base_pair_step.j_auth_seq_id_2 
_ndb_struct_na_base_pair_step.j_PDB_ins_code_2 
1 A DC  1  1_555 B DG  12 1_555 A DG  2  1_555 B DC  11 1_555 -1.174 -0.193 3.139 -7.822 -1.226 31.017 -0.128 0.708  3.334 -2.248 
14.336  31.987 1  AA_DC1DG2:DC23DG24_BB   A 1  ? B 24 ? A 2  ? B 23 ? 
1 A DG  2  1_555 B DC  11 1_555 A DC  3  1_555 B DG  10 1_555 1.023  0.650  3.749 0.744  -3.694 41.087 1.376  -1.361 3.697 -5.249 
-1.057  41.252 2  AA_DG2DC3:DG22DC23_BB   A 2  ? B 23 ? A 3  ? B 22 ? 
1 A DC  3  1_555 B DG  10 1_555 A G36 4  1_555 B DC  9  1_555 -0.587 0.021  3.238 4.640  3.646  22.924 -1.129 2.933  3.028 8.983  
-11.433 23.661 3  AA_DC3G364:DC21DG22_BB  A 3  ? B 22 ? A 4  ? B 21 ? 
1 A G36 4  1_555 B DC  9  1_555 A DA  5  1_555 B DT  8  1_555 1.063  0.269  3.479 1.526  -1.334 40.516 0.547  -1.352 3.505 -1.924 
-2.203  40.565 4  AA_G364DA5:DT20DC21_BB  A 4  ? B 21 ? A 5  ? B 20 ? 
1 A DA  5  1_555 B DT  8  1_555 A DA  6  1_555 B DT  7  1_555 -0.217 0.142  3.371 0.313  1.178  37.144 0.060  0.383  3.372 1.848  
-0.491  37.164 5  AA_DA5DA6:DT19DT20_BB   A 5  ? B 20 ? A 6  ? B 19 ? 
1 A DA  6  1_555 B DT  7  1_555 A DT  7  1_555 B DA  6  1_555 0.503  -0.694 3.023 4.193  -0.127 36.093 -1.097 -0.260 3.062 -0.203 
-6.740  36.328 6  AA_DA6DT7:DA18DT19_BB   A 6  ? B 19 ? A 7  ? B 18 ? 
1 A DT  7  1_555 B DA  6  1_555 A DT  8  1_555 B DA  5  1_555 0.095  0.505  3.907 -4.038 1.707  33.108 0.541  -0.967 3.889 2.979  
7.048   33.389 7  AA_DT7DT8:DA17DA18_BB   A 7  ? B 18 ? A 8  ? B 17 ? 
1 A DT  8  1_555 B DA  5  1_555 A DC  9  1_555 B G36 4  1_555 -1.201 0.396  3.032 -3.090 -2.335 33.978 1.020  1.584  3.093 -3.979 
5.267   34.191 8  AA_DT8DC9:G3616DA17_BB  A 8  ? B 17 ? A 9  ? B 16 ? 
1 A DC  9  1_555 B G36 4  1_555 A DG  10 1_555 B DC  3  1_555 0.404  2.058  3.736 -2.411 -0.584 31.780 3.867  -1.232 3.659 -1.064 
4.395   31.874 9  AA_DC9DG10:DC15G3616_BB A 9  ? B 16 ? A 10 ? B 15 ? 
1 A DG  10 1_555 B DC  3  1_555 A DC  11 1_555 B DG  2  1_555 -0.804 0.734  3.671 -4.656 -3.909 39.873 1.562  0.574  3.653 -5.692 
6.779   40.316 10 AA_DG10DC11:DG14DC15_BB A 10 ? B 15 ? A 11 ? B 14 ? 
1 A DC  11 1_555 B DG  2  1_555 A DG  12 1_555 B DC  1  1_555 1.248  0.107  2.810 0.267  -5.488 33.908 0.919  -2.078 2.769 -9.333 
-0.454  34.338 11 AA_DC11DG12:DC13DG14_BB A 11 ? B 14 ? A 12 ? B 13 ? 
# 
_atom_sites.entry_id                    144D 
_atom_sites.fract_transf_matrix[1][1]   0.00541173 
_atom_sites.fract_transf_matrix[1][2]   -0.00398515 
_atom_sites.fract_transf_matrix[1][3]   0.03446280 
_atom_sites.fract_transf_matrix[2][1]   0.02196728 
_atom_sites.fract_transf_matrix[2][2]   -0.01600763 
_atom_sites.fract_transf_matrix[2][3]   -0.00530061 
_atom_sites.fract_transf_matrix[3][1]   0.00846384 
_atom_sites.fract_transf_matrix[3][2]   0.01161046 
_atom_sites.fract_transf_matrix[3][3]   0.00001350 
_atom_sites.fract_transf_vector[1]      0.186393 
_atom_sites.fract_transf_vector[2]      0.497406 
_atom_sites.fract_transf_vector[3]      0.664286 
# 
loop_
_atom_type.symbol 
C 
N 
O 
P 
# 
loop_
_atom_site.group_PDB 
_atom_site.id 
_atom_site.type_symbol 
_atom_site.label_atom_id 
_atom_site.label_alt_id 
_atom_site.label_comp_id 
_atom_site.label_asym_id 
_atom_site.label_entity_id 
_atom_site.label_seq_id 
_atom_site.pdbx_PDB_ins_code 
_atom_site.Cartn_x 
_atom_site.Cartn_y 
_atom_site.Cartn_z 
_atom_site.occupancy 
_atom_site.B_iso_or_equiv 
_atom_site.pdbx_formal_charge 
_atom_site.auth_seq_id 
_atom_site.auth_comp_id 
_atom_site.auth_asym_id 
_atom_site.auth_atom_id 
_atom_site.pdbx_PDB_model_num 
ATOM   1   O "O5'" . DC  A 1 1  ? 20.663  7.569   -3.408  1.00 12.38 ? 1  DC  A "O5'" 1 
ATOM   2   C "C5'" . DC  A 1 1  ? 19.807  6.385   -3.092  1.00 12.26 ? 1  DC  A "C5'" 1 
ATOM   3   C "C4'" . DC  A 1 1  ? 19.339  6.466   -1.676  1.00 12.25 ? 1  DC  A "C4'" 1 
ATOM   4   O "O4'" . DC  A 1 1  ? 18.502  7.592   -1.415  1.00 12.24 ? 1  DC  A "O4'" 1 
ATOM   5   C "C3'" . DC  A 1 1  ? 18.427  5.407   -1.159  1.00 12.20 ? 1  DC  A "C3'" 1 
ATOM   6   O "O3'" . DC  A 1 1  ? 18.218  5.643   0.223   1.00 12.54 ? 1  DC  A "O3'" 1 
ATOM   7   C "C2'" . DC  A 1 1  ? 17.185  5.796   -1.941  1.00 12.18 ? 1  DC  A "C2'" 1 
ATOM   8   C "C1'" . DC  A 1 1  ? 17.124  7.218   -1.428  1.00 11.94 ? 1  DC  A "C1'" 1 
ATOM   9   N N1    . DC  A 1 1  ? 16.391  8.098   -2.313  1.00 11.73 ? 1  DC  A N1    1 
ATOM   10  C C2    . DC  A 1 1  ? 15.740  9.174   -1.770  1.00 11.60 ? 1  DC  A C2    1 
ATOM   11  O O2    . DC  A 1 1  ? 15.763  9.415   -0.557  1.00 11.37 ? 1  DC  A O2    1 
ATOM   12  N N3    . DC  A 1 1  ? 15.080  10.002  -2.627  1.00 11.46 ? 1  DC  A N3    1 
ATOM   13  C C4    . DC  A 1 1  ? 15.048  9.768   -3.960  1.00 11.54 ? 1  DC  A C4    1 
ATOM   14  N N4    . DC  A 1 1  ? 14.449  10.637  -4.805  1.00 11.65 ? 1  DC  A N4    1 
ATOM   15  C C5    . DC  A 1 1  ? 15.737  8.664   -4.507  1.00 11.71 ? 1  DC  A C5    1 
ATOM   16  C C6    . DC  A 1 1  ? 16.369  7.857   -3.658  1.00 11.65 ? 1  DC  A C6    1 
ATOM   17  P P     . DG  A 1 2  ? 17.700  4.384   1.181   1.00 13.97 ? 2  DG  A P     1 
ATOM   18  O OP1   . DG  A 1 2  ? 18.597  3.213   0.945   1.00 13.93 ? 2  DG  A OP1   1 
ATOM   19  O OP2   . DG  A 1 2  ? 16.330  4.091   0.729   1.00 14.36 ? 2  DG  A OP2   1 
ATOM   20  O "O5'" . DG  A 1 2  ? 17.914  5.087   2.566   1.00 13.57 ? 2  DG  A "O5'" 1 
ATOM   21  C "C5'" . DG  A 1 2  ? 17.769  6.572   2.598   1.00 13.13 ? 2  DG  A "C5'" 1 
ATOM   22  C "C4'" . DG  A 1 2  ? 16.578  6.922   3.467   1.00 12.77 ? 2  DG  A "C4'" 1 
ATOM   23  O "O4'" . DG  A 1 2  ? 15.722  7.805   2.757   1.00 12.78 ? 2  DG  A "O4'" 1 
ATOM   24  C "C3'" . DG  A 1 2  ? 15.744  5.720   3.888   1.00 12.79 ? 2  DG  A "C3'" 1 
ATOM   25  O "O3'" . DG  A 1 2  ? 15.306  5.780   5.229   1.00 12.60 ? 2  DG  A "O3'" 1 
ATOM   26  C "C2'" . DG  A 1 2  ? 14.650  5.744   2.830   1.00 12.64 ? 2  DG  A "C2'" 1 
ATOM   27  C "C1'" . DG  A 1 2  ? 14.412  7.210   2.616   1.00 12.44 ? 2  DG  A "C1'" 1 
ATOM   28  N N9    . DG  A 1 2  ? 13.838  7.458   1.289   1.00 12.17 ? 2  DG  A N9    1 
ATOM   29  C C8    . DG  A 1 2  ? 13.944  6.692   0.152   1.00 12.00 ? 2  DG  A C8    1 
ATOM   30  N N7    . DG  A 1 2  ? 13.325  7.145   -0.898  1.00 11.82 ? 2  DG  A N7    1 
ATOM   31  C C5    . DG  A 1 2  ? 12.745  8.342   -0.404  1.00 11.96 ? 2  DG  A C5    1 
ATOM   32  C C6    . DG  A 1 2  ? 11.923  9.287   -1.044  1.00 11.94 ? 2  DG  A C6    1 
ATOM   33  O O6    . DG  A 1 2  ? 11.551  9.301   -2.218  1.00 11.87 ? 2  DG  A O6    1 
ATOM   34  N N1    . DG  A 1 2  ? 11.550  10.333  -0.256  1.00 11.96 ? 2  DG  A N1    1 
ATOM   35  C C2    . DG  A 1 2  ? 11.913  10.412  1.066   1.00 12.06 ? 2  DG  A C2    1 
ATOM   36  N N2    . DG  A 1 2  ? 11.367  11.497  1.689   1.00 12.15 ? 2  DG  A N2    1 
ATOM   37  N N3    . DG  A 1 2  ? 12.647  9.531   1.731   1.00 11.98 ? 2  DG  A N3    1 
ATOM   38  C C4    . DG  A 1 2  ? 13.007  8.494   0.936   1.00 12.10 ? 2  DG  A C4    1 
ATOM   39  P P     . DC  A 1 3  ? 13.916  5.156   5.765   1.00 10.87 ? 3  DC  A P     1 
ATOM   40  O OP1   . DC  A 1 3  ? 14.013  4.825   7.228   1.00 11.09 ? 3  DC  A OP1   1 
ATOM   41  O OP2   . DC  A 1 3  ? 13.513  4.073   4.916   1.00 11.33 ? 3  DC  A OP2   1 
ATOM   42  O "O5'" . DC  A 1 3  ? 12.915  6.403   5.604   1.00 9.47  ? 3  DC  A "O5'" 1 
ATOM   43  C "C5'" . DC  A 1 3  ? 12.962  7.401   6.730   1.00 8.29  ? 3  DC  A "C5'" 1 
ATOM   44  C "C4'" . DC  A 1 3  ? 11.564  7.989   6.634   1.00 7.80  ? 3  DC  A "C4'" 1 
ATOM   45  O "O4'" . DC  A 1 3  ? 11.223  8.240   5.293   1.00 7.47  ? 3  DC  A "O4'" 1 
ATOM   46  C "C3'" . DC  A 1 3  ? 10.497  7.044   7.105   1.00 7.57  ? 3  DC  A "C3'" 1 
ATOM   47  O "O3'" . DC  A 1 3  ? 9.357   7.788   7.452   1.00 7.90  ? 3  DC  A "O3'" 1 
ATOM   48  C "C2'" . DC  A 1 3  ? 10.237  6.202   5.865   1.00 7.40  ? 3  DC  A "C2'" 1 
ATOM   49  C "C1'" . DC  A 1 3  ? 10.220  7.421   4.853   1.00 6.82  ? 3  DC  A "C1'" 1 
ATOM   50  N N1    . DC  A 1 3  ? 10.316  6.836   3.529   1.00 6.29  ? 3  DC  A N1    1 
ATOM   51  C C2    . DC  A 1 3  ? 9.571   7.466   2.520   1.00 6.06  ? 3  DC  A C2    1 
ATOM   52  O O2    . DC  A 1 3  ? 8.978   8.500   2.843   1.00 5.63  ? 3  DC  A O2    1 
ATOM   53  N N3    . DC  A 1 3  ? 9.572   6.864   1.284   1.00 5.69  ? 3  DC  A N3    1 
ATOM   54  C C4    . DC  A 1 3  ? 10.266  5.755   1.018   1.00 5.80  ? 3  DC  A C4    1 
ATOM   55  N N4    . DC  A 1 3  ? 10.278  5.145   -0.180  1.00 5.69  ? 3  DC  A N4    1 
ATOM   56  C C5    . DC  A 1 3  ? 10.971  5.068   2.050   1.00 5.81  ? 3  DC  A C5    1 
ATOM   57  C C6    . DC  A 1 3  ? 10.965  5.674   3.255   1.00 6.20  ? 3  DC  A C6    1 
HETATM 58  P P     . G36 A 1 4  ? 8.392   7.113   8.567   1.00 10.94 ? 4  G36 A P     1 
HETATM 59  O O1P   . G36 A 1 4  ? 8.914   7.247   9.928   1.00 10.10 ? 4  G36 A O1P   1 
HETATM 60  O O2P   . G36 A 1 4  ? 8.347   5.682   8.093   1.00 9.99  ? 4  G36 A O2P   1 
HETATM 61  O "O5'" . G36 A 1 4  ? 7.072   7.989   8.301   1.00 10.25 ? 4  G36 A "O5'" 1 
HETATM 62  C "C5'" . G36 A 1 4  ? 7.144   8.885   7.134   1.00 10.29 ? 4  G36 A "C5'" 1 
HETATM 63  C "C4'" . G36 A 1 4  ? 5.752   9.298   6.794   1.00 10.27 ? 4  G36 A "C4'" 1 
HETATM 64  O "O4'" . G36 A 1 4  ? 5.451   9.002   5.425   1.00 10.13 ? 4  G36 A "O4'" 1 
HETATM 65  C "C3'" . G36 A 1 4  ? 4.688   8.522   7.562   1.00 10.39 ? 4  G36 A "C3'" 1 
HETATM 66  O "O3'" . G36 A 1 4  ? 3.449   9.167   7.532   1.00 10.87 ? 4  G36 A "O3'" 1 
HETATM 67  C "C2'" . G36 A 1 4  ? 4.860   7.191   6.763   1.00 10.18 ? 4  G36 A "C2'" 1 
HETATM 68  C CM2   . G36 A 1 4  ? 8.017   3.604   1.534   1.00 9.13  ? 4  G36 A CM2   1 
HETATM 69  C "C1'" . G36 A 1 4  ? 4.806   7.663   5.343   1.00 9.95  ? 4  G36 A "C1'" 1 
HETATM 70  N N9    . G36 A 1 4  ? 5.418   6.787   4.336   1.00 9.68  ? 4  G36 A N9    1 
HETATM 71  C C8    . G36 A 1 4  ? 6.100   5.602   4.420   1.00 9.51  ? 4  G36 A C8    1 
HETATM 72  N N7    . G36 A 1 4  ? 6.465   5.079   3.269   1.00 9.15  ? 4  G36 A N7    1 
HETATM 73  C C5    . G36 A 1 4  ? 5.948   5.973   2.351   1.00 9.26  ? 4  G36 A C5    1 
HETATM 74  C C6    . G36 A 1 4  ? 5.960   5.965   0.935   1.00 9.24  ? 4  G36 A C6    1 
HETATM 75  O O6    . G36 A 1 4  ? 6.502   4.968   0.212   1.00 8.90  ? 4  G36 A O6    1 
HETATM 76  N N1    . G36 A 1 4  ? 5.293   6.970   0.303   1.00 9.14  ? 4  G36 A N1    1 
HETATM 77  C C2    . G36 A 1 4  ? 4.679   7.933   1.022   1.00 9.34  ? 4  G36 A C2    1 
HETATM 78  N N2    . G36 A 1 4  ? 4.080   8.887   0.295   1.00 9.34  ? 4  G36 A N2    1 
HETATM 79  C C1M   . G36 A 1 4  ? 7.744   4.494   0.339   1.00 9.12  ? 4  G36 A C1M   1 
HETATM 80  N N3    . G36 A 1 4  ? 4.642   8.044   2.361   1.00 9.47  ? 4  G36 A N3    1 
HETATM 81  C C4    . G36 A 1 4  ? 5.272   6.982   2.954   1.00 9.47  ? 4  G36 A C4    1 
ATOM   82  P P     . DA  A 1 5  ? 1.936   8.891   7.828   1.00 11.69 ? 5  DA  A P     1 
ATOM   83  O OP1   . DA  A 1 5  ? 1.087   10.027  7.225   1.00 10.68 ? 5  DA  A OP1   1 
ATOM   84  O OP2   . DA  A 1 5  ? 1.757   8.762   9.272   1.00 9.78  ? 5  DA  A OP2   1 
ATOM   85  O "O5'" . DA  A 1 5  ? 1.490   7.581   6.977   1.00 10.90 ? 5  DA  A "O5'" 1 
ATOM   86  C "C5'" . DA  A 1 5  ? 0.111   7.639   6.461   1.00 11.03 ? 5  DA  A "C5'" 1 
ATOM   87  C "C4'" . DA  A 1 5  ? 0.075   8.614   5.311   1.00 11.01 ? 5  DA  A "C4'" 1 
ATOM   88  O "O4'" . DA  A 1 5  ? 1.258   8.527   4.537   1.00 10.80 ? 5  DA  A "O4'" 1 
ATOM   89  C "C3'" . DA  A 1 5  ? -1.072  8.419   4.339   1.00 11.09 ? 5  DA  A "C3'" 1 
ATOM   90  O "O3'" . DA  A 1 5  ? -1.606  9.583   3.778   1.00 11.16 ? 5  DA  A "O3'" 1 
ATOM   91  C "C2'" . DA  A 1 5  ? -0.428  7.519   3.275   1.00 10.98 ? 5  DA  A "C2'" 1 
ATOM   92  C "C1'" . DA  A 1 5  ? 1.058   7.813   3.335   1.00 10.70 ? 5  DA  A "C1'" 1 
ATOM   93  N N9    . DA  A 1 5  ? 1.783   6.510   3.294   1.00 10.59 ? 5  DA  A N9    1 
ATOM   94  C C8    . DA  A 1 5  ? 2.206   5.770   4.360   1.00 10.53 ? 5  DA  A C8    1 
ATOM   95  N N7    . DA  A 1 5  ? 2.825   4.630   4.009   1.00 10.46 ? 5  DA  A N7    1 
ATOM   96  C C5    . DA  A 1 5  ? 2.835   4.711   2.616   1.00 10.29 ? 5  DA  A C5    1 
ATOM   97  C C6    . DA  A 1 5  ? 3.363   3.810   1.659   1.00 10.24 ? 5  DA  A C6    1 
ATOM   98  N N6    . DA  A 1 5  ? 3.987   2.665   1.989   1.00 10.33 ? 5  DA  A N6    1 
ATOM   99  N N1    . DA  A 1 5  ? 3.142   4.144   0.357   1.00 10.06 ? 5  DA  A N1    1 
ATOM   100 C C2    . DA  A 1 5  ? 2.513   5.292   0.020   1.00 10.00 ? 5  DA  A C2    1 
ATOM   101 N N3    . DA  A 1 5  ? 2.014   6.173   0.877   1.00 10.24 ? 5  DA  A N3    1 
ATOM   102 C C4    . DA  A 1 5  ? 2.169   5.799   2.158   1.00 10.32 ? 5  DA  A C4    1 
ATOM   103 P P     . DA  A 1 6  ? -3.089  10.061  3.659   1.00 13.74 ? 6  DA  A P     1 
ATOM   104 O OP1   . DA  A 1 6  ? -3.330  11.529  4.000   1.00 11.92 ? 6  DA  A OP1   1 
ATOM   105 O OP2   . DA  A 1 6  ? -3.864  9.162   4.542   1.00 12.94 ? 6  DA  A OP2   1 
ATOM   106 O "O5'" . DA  A 1 6  ? -3.379  9.931   2.056   1.00 9.85  ? 6  DA  A "O5'" 1 
ATOM   107 C "C5'" . DA  A 1 6  ? -2.260  9.891   1.179   1.00 8.93  ? 6  DA  A "C5'" 1 
ATOM   108 C "C4'" . DA  A 1 6  ? -2.380  8.774   0.164   1.00 8.59  ? 6  DA  A "C4'" 1 
ATOM   109 O "O4'" . DA  A 1 6  ? -1.677  7.657   0.696   1.00 8.26  ? 6  DA  A "O4'" 1 
ATOM   110 C "C3'" . DA  A 1 6  ? -3.779  8.329   -0.178  1.00 8.42  ? 6  DA  A "C3'" 1 
ATOM   111 O "O3'" . DA  A 1 6  ? -4.104  8.483   -1.555  1.00 7.98  ? 6  DA  A "O3'" 1 
ATOM   112 C "C2'" . DA  A 1 6  ? -3.786  6.870   0.391   1.00 8.31  ? 6  DA  A "C2'" 1 
ATOM   113 C "C1'" . DA  A 1 6  ? -2.381  6.448   0.241   1.00 8.03  ? 6  DA  A "C1'" 1 
ATOM   114 N N9    . DA  A 1 6  ? -1.819  5.350   1.038   1.00 7.74  ? 6  DA  A N9    1 
ATOM   115 C C8    . DA  A 1 6  ? -1.749  5.211   2.392   1.00 7.64  ? 6  DA  A C8    1 
ATOM   116 N N7    . DA  A 1 6  ? -1.055  4.187   2.814   1.00 7.61  ? 6  DA  A N7    1 
ATOM   117 C C5    . DA  A 1 6  ? -0.618  3.612   1.624   1.00 7.47  ? 6  DA  A C5    1 
ATOM   118 C C6    . DA  A 1 6  ? 0.152   2.447   1.406   1.00 7.59  ? 6  DA  A C6    1 
ATOM   119 N N6    . DA  A 1 6  ? 0.657   1.734   2.430   1.00 7.69  ? 6  DA  A N6    1 
ATOM   120 N N1    . DA  A 1 6  ? 0.422   2.166   0.094   1.00 7.42  ? 6  DA  A N1    1 
ATOM   121 C C2    . DA  A 1 6  ? -0.082  2.966   -0.898  1.00 7.51  ? 6  DA  A C2    1 
ATOM   122 N N3    . DA  A 1 6  ? -0.843  4.036   -0.776  1.00 7.33  ? 6  DA  A N3    1 
ATOM   123 C C4    . DA  A 1 6  ? -1.026  4.341   0.524   1.00 7.59  ? 6  DA  A C4    1 
ATOM   124 P P     . DT  A 1 7  ? -4.997  7.412   -2.432  1.00 5.99  ? 7  DT  A P     1 
ATOM   125 O OP1   . DT  A 1 7  ? -5.686  8.087   -3.590  1.00 5.25  ? 7  DT  A OP1   1 
ATOM   126 O OP2   . DT  A 1 7  ? -5.911  6.870   -1.437  1.00 6.99  ? 7  DT  A OP2   1 
ATOM   127 O "O5'" . DT  A 1 7  ? -3.843  6.485   -2.987  1.00 6.84  ? 7  DT  A "O5'" 1 
ATOM   128 C "C5'" . DT  A 1 7  ? -3.584  5.175   -2.462  1.00 6.84  ? 7  DT  A "C5'" 1 
ATOM   129 C "C4'" . DT  A 1 7  ? -3.516  4.180   -3.607  1.00 6.56  ? 7  DT  A "C4'" 1 
ATOM   130 O "O4'" . DT  A 1 7  ? -2.878  3.025   -3.081  1.00 6.64  ? 7  DT  A "O4'" 1 
ATOM   131 C "C3'" . DT  A 1 7  ? -4.810  3.660   -4.120  1.00 6.66  ? 7  DT  A "C3'" 1 
ATOM   132 O "O3'" . DT  A 1 7  ? -4.701  2.806   -5.257  1.00 6.69  ? 7  DT  A "O3'" 1 
ATOM   133 C "C2'" . DT  A 1 7  ? -5.266  2.871   -2.830  1.00 6.29  ? 7  DT  A "C2'" 1 
ATOM   134 C "C1'" . DT  A 1 7  ? -3.969  2.183   -2.496  1.00 6.28  ? 7  DT  A "C1'" 1 
ATOM   135 N N1    . DT  A 1 7  ? -3.723  2.003   -1.064  1.00 6.04  ? 7  DT  A N1    1 
ATOM   136 C C2    . DT  A 1 7  ? -2.741  1.028   -0.818  1.00 6.11  ? 7  DT  A C2    1 
ATOM   137 O O2    . DT  A 1 7  ? -2.097  0.559   -1.756  1.00 6.22  ? 7  DT  A O2    1 
ATOM   138 N N3    . DT  A 1 7  ? -2.507  0.684   0.470   1.00 6.13  ? 7  DT  A N3    1 
ATOM   139 C C4    . DT  A 1 7  ? -3.192  1.182   1.543   1.00 5.95  ? 7  DT  A C4    1 
ATOM   140 O O4    . DT  A 1 7  ? -2.869  0.772   2.684   1.00 5.64  ? 7  DT  A O4    1 
ATOM   141 C C5    . DT  A 1 7  ? -4.181  2.160   1.260   1.00 5.85  ? 7  DT  A C5    1 
ATOM   142 C C7    . DT  A 1 7  ? -4.992  2.750   2.382   1.00 6.04  ? 7  DT  A C7    1 
ATOM   143 C C6    . DT  A 1 7  ? -4.397  2.493   -0.016  1.00 5.95  ? 7  DT  A C6    1 
ATOM   144 P P     . DT  A 1 8  ? -5.428  3.079   -6.646  1.00 8.30  ? 8  DT  A P     1 
ATOM   145 O OP1   . DT  A 1 8  ? -4.646  4.061   -7.500  1.00 9.50  ? 8  DT  A OP1   1 
ATOM   146 O OP2   . DT  A 1 8  ? -6.793  3.386   -6.359  1.00 6.83  ? 8  DT  A OP2   1 
ATOM   147 O "O5'" . DT  A 1 8  ? -5.286  1.599   -7.400  1.00 9.10  ? 8  DT  A "O5'" 1 
ATOM   148 C "C5'" . DT  A 1 8  ? -6.035  0.593   -6.691  1.00 9.19  ? 8  DT  A "C5'" 1 
ATOM   149 C "C4'" . DT  A 1 8  ? -5.203  -0.616  -6.494  1.00 9.20  ? 8  DT  A "C4'" 1 
ATOM   150 O "O4'" . DT  A 1 8  ? -4.528  -0.679  -5.244  1.00 9.24  ? 8  DT  A "O4'" 1 
ATOM   151 C "C3'" . DT  A 1 8  ? -6.137  -1.916  -6.439  1.00 9.23  ? 8  DT  A "C3'" 1 
ATOM   152 O "O3'" . DT  A 1 8  ? -5.328  -3.023  -6.762  1.00 9.16  ? 8  DT  A "O3'" 1 
ATOM   153 C "C2'" . DT  A 1 8  ? -6.580  -1.767  -5.011  1.00 9.00  ? 8  DT  A "C2'" 1 
ATOM   154 C "C1'" . DT  A 1 8  ? -5.168  -1.592  -4.381  1.00 9.21  ? 8  DT  A "C1'" 1 
ATOM   155 N N1    . DT  A 1 8  ? -5.411  -1.244  -2.985  1.00 9.17  ? 8  DT  A N1    1 
ATOM   156 C C2    . DT  A 1 8  ? -4.935  -2.109  -2.028  1.00 9.22  ? 8  DT  A C2    1 
ATOM   157 O O2    . DT  A 1 8  ? -4.303  -3.086  -2.383  1.00 9.28  ? 8  DT  A O2    1 
ATOM   158 N N3    . DT  A 1 8  ? -5.205  -1.828  -0.731  1.00 9.44  ? 8  DT  A N3    1 
ATOM   159 C C4    . DT  A 1 8  ? -5.945  -0.772  -0.325  1.00 9.33  ? 8  DT  A C4    1 
ATOM   160 O O4    . DT  A 1 8  ? -6.127  -0.640  0.914   1.00 9.58  ? 8  DT  A O4    1 
ATOM   161 C C5    . DT  A 1 8  ? -6.442  0.109   -1.308  1.00 9.29  ? 8  DT  A C5    1 
ATOM   162 C C7    . DT  A 1 8  ? -7.256  1.305   -0.978  1.00 9.20  ? 8  DT  A C7    1 
ATOM   163 C C6    . DT  A 1 8  ? -6.159  -0.182  -2.582  1.00 9.35  ? 8  DT  A C6    1 
ATOM   164 P P     . DC  A 1 9  ? -5.218  -3.445  -8.336  1.00 9.90  ? 9  DC  A P     1 
ATOM   165 O OP1   . DC  A 1 9  ? -4.780  -2.213  -9.127  1.00 11.96 ? 9  DC  A OP1   1 
ATOM   166 O OP2   . DC  A 1 9  ? -6.624  -3.799  -8.678  1.00 10.12 ? 9  DC  A OP2   1 
ATOM   167 O "O5'" . DC  A 1 9  ? -4.136  -4.578  -8.370  1.00 11.97 ? 9  DC  A "O5'" 1 
ATOM   168 C "C5'" . DC  A 1 9  ? -3.182  -4.759  -7.246  1.00 12.10 ? 9  DC  A "C5'" 1 
ATOM   169 C "C4'" . DC  A 1 9  ? -3.187  -6.220  -6.893  1.00 12.19 ? 9  DC  A "C4'" 1 
ATOM   170 O "O4'" . DC  A 1 9  ? -3.438  -6.382  -5.500  1.00 11.91 ? 9  DC  A "O4'" 1 
ATOM   171 C "C3'" . DC  A 1 9  ? -4.299  -6.958  -7.633  1.00 12.15 ? 9  DC  A "C3'" 1 
ATOM   172 O "O3'" . DC  A 1 9  ? -4.181  -8.336  -7.886  1.00 12.81 ? 9  DC  A "O3'" 1 
ATOM   173 C "C2'" . DC  A 1 9  ? -5.460  -6.629  -6.624  1.00 12.03 ? 9  DC  A "C2'" 1 
ATOM   174 C "C1'" . DC  A 1 9  ? -4.778  -6.871  -5.276  1.00 11.51 ? 9  DC  A "C1'" 1 
ATOM   175 N N1    . DC  A 1 9  ? -5.515  -6.161  -4.233  1.00 11.20 ? 9  DC  A N1    1 
ATOM   176 C C2    . DC  A 1 9  ? -5.289  -6.501  -2.907  1.00 11.05 ? 9  DC  A C2    1 
ATOM   177 O O2    . DC  A 1 9  ? -4.464  -7.360  -2.593  1.00 11.01 ? 9  DC  A O2    1 
ATOM   178 N N3    . DC  A 1 9  ? -5.974  -5.830  -1.927  1.00 10.78 ? 9  DC  A N3    1 
ATOM   179 C C4    . DC  A 1 9  ? -6.905  -4.893  -2.218  1.00 10.77 ? 9  DC  A C4    1 
ATOM   180 N N4    . DC  A 1 9  ? -7.549  -4.252  -1.238  1.00 10.68 ? 9  DC  A N4    1 
ATOM   181 C C5    . DC  A 1 9  ? -7.098  -4.492  -3.565  1.00 10.83 ? 9  DC  A C5    1 
ATOM   182 C C6    . DC  A 1 9  ? -6.410  -5.165  -4.497  1.00 11.01 ? 9  DC  A C6    1 
ATOM   183 P P     . DG  A 1 10 ? -3.816  -9.117  -9.279  1.00 17.09 ? 10 DG  A P     1 
ATOM   184 O OP1   . DG  A 1 10 ? -2.294  -9.021  -9.521  1.00 14.93 ? 10 DG  A OP1   1 
ATOM   185 O OP2   . DG  A 1 10 ? -4.687  -8.567  -10.265 1.00 15.64 ? 10 DG  A OP2   1 
ATOM   186 O "O5'" . DG  A 1 10 ? -4.072  -10.654 -8.790  1.00 12.76 ? 10 DG  A "O5'" 1 
ATOM   187 C "C5'" . DG  A 1 10 ? -3.183  -10.872 -7.593  1.00 12.52 ? 10 DG  A "C5'" 1 
ATOM   188 C "C4'" . DG  A 1 10 ? -4.006  -11.480 -6.513  1.00 12.55 ? 10 DG  A "C4'" 1 
ATOM   189 O "O4'" . DG  A 1 10 ? -4.691  -10.551 -5.691  1.00 12.35 ? 10 DG  A "O4'" 1 
ATOM   190 C "C3'" . DG  A 1 10 ? -5.054  -12.438 -7.094  1.00 12.60 ? 10 DG  A "C3'" 1 
ATOM   191 O "O3'" . DG  A 1 10 ? -4.731  -13.794 -6.589  1.00 12.87 ? 10 DG  A "O3'" 1 
ATOM   192 C "C2'" . DG  A 1 10 ? -6.361  -11.830 -6.709  1.00 12.18 ? 10 DG  A "C2'" 1 
ATOM   193 C "C1'" . DG  A 1 10 ? -6.026  -11.042 -5.475  1.00 12.01 ? 10 DG  A "C1'" 1 
ATOM   194 N N9    . DG  A 1 10 ? -7.006  -9.984  -5.277  1.00 11.68 ? 10 DG  A N9    1 
ATOM   195 C C8    . DG  A 1 10 ? -7.572  -9.140  -6.173  1.00 11.53 ? 10 DG  A C8    1 
ATOM   196 N N7    . DG  A 1 10 ? -8.339  -8.236  -5.632  1.00 11.49 ? 10 DG  A N7    1 
ATOM   197 C C5    . DG  A 1 10 ? -8.319  -8.510  -4.285  1.00 11.35 ? 10 DG  A C5    1 
ATOM   198 C C6    . DG  A 1 10 ? -8.995  -7.932  -3.189  1.00 11.47 ? 10 DG  A C6    1 
ATOM   199 O O6    . DG  A 1 10 ? -9.781  -6.928  -3.275  1.00 11.48 ? 10 DG  A O6    1 
ATOM   200 N N1    . DG  A 1 10 ? -8.650  -8.444  -1.971  1.00 11.46 ? 10 DG  A N1    1 
ATOM   201 C C2    . DG  A 1 10 ? -7.779  -9.510  -1.840  1.00 11.37 ? 10 DG  A C2    1 
ATOM   202 N N2    . DG  A 1 10 ? -7.505  -9.970  -0.616  1.00 11.11 ? 10 DG  A N2    1 
ATOM   203 N N3    . DG  A 1 10 ? -7.131  -10.068 -2.845  1.00 11.45 ? 10 DG  A N3    1 
ATOM   204 C C4    . DG  A 1 10 ? -7.481  -9.553  -4.038  1.00 11.58 ? 10 DG  A C4    1 
ATOM   205 P P     . DC  A 1 11 ? -5.632  -15.032 -6.959  1.00 16.28 ? 11 DC  A P     1 
ATOM   206 O OP1   . DC  A 1 11 ? -4.915  -16.069 -7.740  1.00 15.44 ? 11 DC  A OP1   1 
ATOM   207 O OP2   . DC  A 1 11 ? -6.835  -14.498 -7.634  1.00 14.59 ? 11 DC  A OP2   1 
ATOM   208 O "O5'" . DC  A 1 11 ? -5.944  -15.667 -5.448  1.00 15.26 ? 11 DC  A "O5'" 1 
ATOM   209 C "C5'" . DC  A 1 11 ? -4.849  -15.518 -4.494  1.00 14.58 ? 11 DC  A "C5'" 1 
ATOM   210 C "C4'" . DC  A 1 11 ? -5.260  -15.823 -3.066  1.00 14.52 ? 11 DC  A "C4'" 1 
ATOM   211 O "O4'" . DC  A 1 11 ? -5.894  -14.673 -2.506  1.00 14.06 ? 11 DC  A "O4'" 1 
ATOM   212 C "C3'" . DC  A 1 11 ? -6.268  -16.985 -2.831  1.00 14.30 ? 11 DC  A "C3'" 1 
ATOM   213 O "O3'" . DC  A 1 11 ? -6.316  -17.639 -1.561  1.00 14.69 ? 11 DC  A "O3'" 1 
ATOM   214 C "C2'" . DC  A 1 11 ? -7.570  -16.207 -3.082  1.00 14.10 ? 11 DC  A "C2'" 1 
ATOM   215 C "C1'" . DC  A 1 11 ? -7.252  -14.803 -2.422  1.00 13.67 ? 11 DC  A "C1'" 1 
ATOM   216 N N1    . DC  A 1 11 ? -8.162  -13.881 -3.111  1.00 13.22 ? 11 DC  A N1    1 
ATOM   217 C C2    . DC  A 1 11 ? -9.045  -13.151 -2.312  1.00 13.03 ? 11 DC  A C2    1 
ATOM   218 O O2    . DC  A 1 11 ? -8.966  -13.211 -1.074  1.00 12.91 ? 11 DC  A O2    1 
ATOM   219 N N3    . DC  A 1 11 ? -9.979  -12.383 -2.940  1.00 12.74 ? 11 DC  A N3    1 
ATOM   220 C C4    . DC  A 1 11 ? -10.029 -12.260 -4.291  1.00 12.80 ? 11 DC  A C4    1 
ATOM   221 N N4    . DC  A 1 11 ? -10.958 -11.496 -4.863  1.00 12.64 ? 11 DC  A N4    1 
ATOM   222 C C5    . DC  A 1 11 ? -9.170  -13.057 -5.098  1.00 12.73 ? 11 DC  A C5    1 
ATOM   223 C C6    . DC  A 1 11 ? -8.306  -13.859 -4.474  1.00 12.92 ? 11 DC  A C6    1 
ATOM   224 P P     . DG  A 1 12 ? -5.898  -19.150 -1.285  1.00 15.50 ? 12 DG  A P     1 
ATOM   225 O OP1   . DG  A 1 12 ? -4.982  -19.302 -0.106  1.00 15.31 ? 12 DG  A OP1   1 
ATOM   226 O OP2   . DG  A 1 12 ? -5.320  -19.656 -2.534  1.00 16.03 ? 12 DG  A OP2   1 
ATOM   227 O "O5'" . DG  A 1 12 ? -7.258  -19.968 -0.902  1.00 16.17 ? 12 DG  A "O5'" 1 
ATOM   228 C "C5'" . DG  A 1 12 ? -8.539  -19.551 -1.343  1.00 16.22 ? 12 DG  A "C5'" 1 
ATOM   229 C "C4'" . DG  A 1 12 ? -9.100  -18.626 -0.255  1.00 16.07 ? 12 DG  A "C4'" 1 
ATOM   230 O "O4'" . DG  A 1 12 ? -9.329  -17.339 -0.824  1.00 15.95 ? 12 DG  A "O4'" 1 
ATOM   231 C "C3'" . DG  A 1 12 ? -10.376 -19.161 0.377   1.00 15.99 ? 12 DG  A "C3'" 1 
ATOM   232 O "O3'" . DG  A 1 12 ? -10.248 -19.256 1.800   1.00 15.88 ? 12 DG  A "O3'" 1 
ATOM   233 C "C2'" . DG  A 1 12 ? -11.458 -18.199 -0.108  1.00 16.06 ? 12 DG  A "C2'" 1 
ATOM   234 C "C1'" . DG  A 1 12 ? -10.705 -16.939 -0.623  1.00 15.92 ? 12 DG  A "C1'" 1 
ATOM   235 N N9    . DG  A 1 12 ? -11.249 -16.454 -1.891  1.00 15.78 ? 12 DG  A N9    1 
ATOM   236 C C8    . DG  A 1 12 ? -11.015 -16.969 -3.137  1.00 15.92 ? 12 DG  A C8    1 
ATOM   237 N N7    . DG  A 1 12 ? -11.604 -16.279 -4.114  1.00 15.92 ? 12 DG  A N7    1 
ATOM   238 C C5    . DG  A 1 12 ? -12.233 -15.219 -3.431  1.00 15.84 ? 12 DG  A C5    1 
ATOM   239 C C6    . DG  A 1 12 ? -13.049 -14.193 -3.916  1.00 15.86 ? 12 DG  A C6    1 
ATOM   240 O O6    . DG  A 1 12 ? -13.303 -13.920 -5.094  1.00 16.15 ? 12 DG  A O6    1 
ATOM   241 N N1    . DG  A 1 12 ? -13.572 -13.382 -2.947  1.00 15.94 ? 12 DG  A N1    1 
ATOM   242 C C2    . DG  A 1 12 ? -13.258 -13.526 -1.623  1.00 15.95 ? 12 DG  A C2    1 
ATOM   243 N N2    . DG  A 1 12 ? -13.801 -12.614 -0.797  1.00 15.96 ? 12 DG  A N2    1 
ATOM   244 N N3    . DG  A 1 12 ? -12.499 -14.511 -1.111  1.00 15.92 ? 12 DG  A N3    1 
ATOM   245 C C4    . DG  A 1 12 ? -12.050 -15.354 -2.076  1.00 15.84 ? 12 DG  A C4    1 
ATOM   246 O "O5'" . DC  B 1 1  ? -19.250 -6.312  -4.877  1.00 18.98 ? 13 DC  B "O5'" 1 
ATOM   247 C "C5'" . DC  B 1 1  ? -18.131 -6.439  -3.945  1.00 18.95 ? 13 DC  B "C5'" 1 
ATOM   248 C "C4'" . DC  B 1 1  ? -18.802 -6.986  -2.678  1.00 18.99 ? 13 DC  B "C4'" 1 
ATOM   249 O "O4'" . DC  B 1 1  ? -18.808 -8.359  -2.743  1.00 19.07 ? 13 DC  B "O4'" 1 
ATOM   250 C "C3'" . DC  B 1 1  ? -18.033 -6.601  -1.407  1.00 18.96 ? 13 DC  B "C3'" 1 
ATOM   251 O "O3'" . DC  B 1 1  ? -18.925 -6.468  -0.245  1.00 18.80 ? 13 DC  B "O3'" 1 
ATOM   252 C "C2'" . DC  B 1 1  ? -17.047 -7.750  -1.301  1.00 18.99 ? 13 DC  B "C2'" 1 
ATOM   253 C "C1'" . DC  B 1 1  ? -17.638 -8.869  -2.033  1.00 19.04 ? 13 DC  B "C1'" 1 
ATOM   254 N N1    . DC  B 1 1  ? -16.759 -9.508  -3.008  1.00 19.06 ? 13 DC  B N1    1 
ATOM   255 C C2    . DC  B 1 1  ? -15.752 -10.329 -2.562  1.00 19.13 ? 13 DC  B C2    1 
ATOM   256 O O2    . DC  B 1 1  ? -15.599 -10.528 -1.364  1.00 18.96 ? 13 DC  B O2    1 
ATOM   257 N N3    . DC  B 1 1  ? -14.888 -10.872 -3.492  1.00 18.99 ? 13 DC  B N3    1 
ATOM   258 C C4    . DC  B 1 1  ? -15.053 -10.664 -4.823  1.00 19.03 ? 13 DC  B C4    1 
ATOM   259 N N4    . DC  B 1 1  ? -14.234 -11.260 -5.683  1.00 18.95 ? 13 DC  B N4    1 
ATOM   260 C C5    . DC  B 1 1  ? -16.094 -9.818  -5.296  1.00 19.13 ? 13 DC  B C5    1 
ATOM   261 C C6    . DC  B 1 1  ? -16.925 -9.299  -4.360  1.00 19.25 ? 13 DC  B C6    1 
ATOM   262 P P     . DG  B 1 2  ? -18.176 -5.638  0.978   1.00 18.12 ? 14 DG  B P     1 
ATOM   263 O OP1   . DG  B 1 2  ? -19.029 -5.189  2.048   1.00 18.40 ? 14 DG  B OP1   1 
ATOM   264 O OP2   . DG  B 1 2  ? -17.703 -4.431  0.126   1.00 18.57 ? 14 DG  B OP2   1 
ATOM   265 O "O5'" . DG  B 1 2  ? -17.053 -6.629  1.380   1.00 13.60 ? 14 DG  B "O5'" 1 
ATOM   266 C "C5'" . DG  B 1 2  ? -17.553 -7.987  1.934   1.00 13.09 ? 14 DG  B "C5'" 1 
ATOM   267 C "C4'" . DG  B 1 2  ? -16.430 -8.291  2.944   1.00 12.59 ? 14 DG  B "C4'" 1 
ATOM   268 O "O4'" . DG  B 1 2  ? -15.371 -8.976  2.366   1.00 12.42 ? 14 DG  B "O4'" 1 
ATOM   269 C "C3'" . DG  B 1 2  ? -15.824 -6.925  3.465   1.00 12.41 ? 14 DG  B "C3'" 1 
ATOM   270 O "O3'" . DG  B 1 2  ? -15.637 -6.976  4.864   1.00 12.36 ? 14 DG  B "O3'" 1 
ATOM   271 C "C2'" . DG  B 1 2  ? -14.640 -6.753  2.566   1.00 12.19 ? 14 DG  B "C2'" 1 
ATOM   272 C "C1'" . DG  B 1 2  ? -14.190 -8.114  2.222   1.00 12.09 ? 14 DG  B "C1'" 1 
ATOM   273 N N9    . DG  B 1 2  ? -13.755 -8.171  0.820   1.00 11.77 ? 14 DG  B N9    1 
ATOM   274 C C8    . DG  B 1 2  ? -14.220 -7.400  -0.186  1.00 11.83 ? 14 DG  B C8    1 
ATOM   275 N N7    . DG  B 1 2  ? -13.713 -7.683  -1.352  1.00 11.83 ? 14 DG  B N7    1 
ATOM   276 C C5    . DG  B 1 2  ? -12.904 -8.789  -1.090  1.00 11.76 ? 14 DG  B C5    1 
ATOM   277 C C6    . DG  B 1 2  ? -12.076 -9.564  -1.955  1.00 11.78 ? 14 DG  B C6    1 
ATOM   278 O O6    . DG  B 1 2  ? -11.924 -9.416  -3.188  1.00 11.89 ? 14 DG  B O6    1 
ATOM   279 N N1    . DG  B 1 2  ? -11.413 -10.565 -1.318  1.00 11.67 ? 14 DG  B N1    1 
ATOM   280 C C2    . DG  B 1 2  ? -11.543 -10.816 0.013   1.00 11.64 ? 14 DG  B C2    1 
ATOM   281 N N2    . DG  B 1 2  ? -10.831 -11.853 0.475   1.00 11.56 ? 14 DG  B N2    1 
ATOM   282 N N3    . DG  B 1 2  ? -12.286 -10.103 0.857   1.00 11.72 ? 14 DG  B N3    1 
ATOM   283 C C4    . DG  B 1 2  ? -12.948 -9.104  0.243   1.00 11.75 ? 14 DG  B C4    1 
ATOM   284 P P     . DC  B 1 3  ? -14.309 -6.308  5.444   1.00 14.35 ? 15 DC  B P     1 
ATOM   285 O OP1   . DC  B 1 3  ? -14.392 -6.077  6.890   1.00 13.12 ? 15 DC  B OP1   1 
ATOM   286 O OP2   . DC  B 1 3  ? -14.269 -4.958  4.662   1.00 13.50 ? 15 DC  B OP2   1 
ATOM   287 O "O5'" . DC  B 1 3  ? -13.188 -7.297  4.941   1.00 12.61 ? 15 DC  B "O5'" 1 
ATOM   288 C "C5'" . DC  B 1 3  ? -12.495 -8.149  5.877   1.00 12.40 ? 15 DC  B "C5'" 1 
ATOM   289 C "C4'" . DC  B 1 3  ? -11.064 -8.330  5.379   1.00 12.17 ? 15 DC  B "C4'" 1 
ATOM   290 O "O4'" . DC  B 1 3  ? -10.978 -8.218  3.998   1.00 12.01 ? 15 DC  B "O4'" 1 
ATOM   291 C "C3'" . DC  B 1 3  ? -10.080 -7.325  5.968   1.00 12.24 ? 15 DC  B "C3'" 1 
ATOM   292 O "O3'" . DC  B 1 3  ? -9.465  -7.947  7.096   1.00 12.50 ? 15 DC  B "O3'" 1 
ATOM   293 C "C2'" . DC  B 1 3  ? -9.142  -6.973  4.828   1.00 11.93 ? 15 DC  B "C2'" 1 
ATOM   294 C "C1'" . DC  B 1 3  ? -9.643  -7.726  3.668   1.00 11.65 ? 15 DC  B "C1'" 1 
ATOM   295 N N1    . DC  B 1 3  ? -9.950  -6.986  2.443   1.00 11.40 ? 15 DC  B N1    1 
ATOM   296 C C2    . DC  B 1 3  ? -9.508  -7.564  1.266   1.00 11.37 ? 15 DC  B C2    1 
ATOM   297 O O2    . DC  B 1 3  ? -8.761  -8.539  1.347   1.00 11.44 ? 15 DC  B O2    1 
ATOM   298 N N3    . DC  B 1 3  ? -9.850  -6.969  0.109   1.00 11.28 ? 15 DC  B N3    1 
ATOM   299 C C4    . DC  B 1 3  ? -10.604 -5.816  0.087   1.00 11.20 ? 15 DC  B C4    1 
ATOM   300 N N4    . DC  B 1 3  ? -10.891 -5.261  -1.103  1.00 11.29 ? 15 DC  B N4    1 
ATOM   301 C C5    . DC  B 1 3  ? -11.114 -5.274  1.281   1.00 11.12 ? 15 DC  B C5    1 
ATOM   302 C C6    . DC  B 1 3  ? -10.758 -5.879  2.414   1.00 11.42 ? 15 DC  B C6    1 
HETATM 303 P P     . G36 B 1 4  ? -8.546  -7.154  8.149   1.00 15.60 ? 16 G36 B P     1 
HETATM 304 O O1P   . G36 B 1 4  ? -8.842  -7.715  9.541   1.00 15.92 ? 16 G36 B O1P   1 
HETATM 305 O O2P   . G36 B 1 4  ? -8.719  -5.736  7.995   1.00 12.62 ? 16 G36 B O2P   1 
HETATM 306 O "O5'" . G36 B 1 4  ? -7.120  -7.763  7.689   1.00 12.13 ? 16 G36 B "O5'" 1 
HETATM 307 C "C5'" . G36 B 1 4  ? -7.065  -9.180  7.406   1.00 11.13 ? 16 G36 B "C5'" 1 
HETATM 308 C "C4'" . G36 B 1 4  ? -5.773  -9.346  6.642   1.00 10.60 ? 16 G36 B "C4'" 1 
HETATM 309 O "O4'" . G36 B 1 4  ? -5.977  -8.765  5.383   1.00 10.07 ? 16 G36 B "O4'" 1 
HETATM 310 C "C3'" . G36 B 1 4  ? -4.581  -8.665  7.314   1.00 10.52 ? 16 G36 B "C3'" 1 
HETATM 311 O "O3'" . G36 B 1 4  ? -3.369  -9.290  7.060   1.00 11.02 ? 16 G36 B "O3'" 1 
HETATM 312 C "C2'" . G36 B 1 4  ? -4.751  -7.248  6.730   1.00 10.10 ? 16 G36 B "C2'" 1 
HETATM 313 C CM2   . G36 B 1 4  ? -8.640  -2.343  2.949   1.00 9.11  ? 16 G36 B CM2   1 
HETATM 314 C "C1'" . G36 B 1 4  ? -5.149  -7.559  5.300   1.00 9.65  ? 16 G36 B "C1'" 1 
HETATM 315 N N9    . G36 B 1 4  ? -5.829  -6.460  4.620   1.00 9.15  ? 16 G36 B N9    1 
HETATM 316 C C8    . G36 B 1 4  ? -6.476  -5.386  5.124   1.00 8.90  ? 16 G36 B C8    1 
HETATM 317 N N7    . G36 B 1 4  ? -6.935  -4.533  4.213   1.00 8.84  ? 16 G36 B N7    1 
HETATM 318 C C5    . G36 B 1 4  ? -6.574  -5.140  3.012   1.00 8.72  ? 16 G36 B C5    1 
HETATM 319 C C6    . G36 B 1 4  ? -6.825  -4.783  1.686   1.00 8.78  ? 16 G36 B C6    1 
HETATM 320 O O6    . G36 B 1 4  ? -7.476  -3.620  1.307   1.00 8.87  ? 16 G36 B O6    1 
HETATM 321 N N1    . G36 B 1 4  ? -6.301  -5.594  0.726   1.00 8.75  ? 16 G36 B N1    1 
HETATM 322 C C2    . G36 B 1 4  ? -5.645  -6.763  1.071   1.00 8.70  ? 16 G36 B C2    1 
HETATM 323 N N2    . G36 B 1 4  ? -5.253  -7.477  0.002   1.00 8.69  ? 16 G36 B N2    1 
HETATM 324 C C1M   . G36 B 1 4  ? -8.702  -3.415  1.889   1.00 9.27  ? 16 G36 B C1M   1 
HETATM 325 N N3    . G36 B 1 4  ? -5.406  -7.197  2.310   1.00 8.65  ? 16 G36 B N3    1 
HETATM 326 C C4    . G36 B 1 4  ? -5.898  -6.322  3.234   1.00 8.86  ? 16 G36 B C4    1 
ATOM   327 P P     . DA  B 1 5  ? -1.959  -9.371  6.730   1.00 14.56 ? 17 DA  B P     1 
ATOM   328 O OP1   . DA  B 1 5  ? -1.111  -10.076 7.866   1.00 15.98 ? 17 DA  B OP1   1 
ATOM   329 O OP2   . DA  B 1 5  ? -1.370  -7.904  6.765   1.00 16.01 ? 17 DA  B OP2   1 
ATOM   330 O "O5'" . DA  B 1 5  ? -1.572  -10.082 5.409   1.00 14.14 ? 17 DA  B "O5'" 1 
ATOM   331 C "C5'" . DA  B 1 5  ? -2.011  -9.760  4.088   1.00 14.01 ? 17 DA  B "C5'" 1 
ATOM   332 C "C4'" . DA  B 1 5  ? -0.859  -9.221  3.308   1.00 13.91 ? 17 DA  B "C4'" 1 
ATOM   333 O "O4'" . DA  B 1 5  ? -1.306  -8.032  2.620   1.00 13.66 ? 17 DA  B "O4'" 1 
ATOM   334 C "C3'" . DA  B 1 5  ? 0.344   -8.807  4.194   1.00 13.95 ? 17 DA  B "C3'" 1 
ATOM   335 O "O3'" . DA  B 1 5  ? 1.617   -9.131  3.716   1.00 14.48 ? 17 DA  B "O3'" 1 
ATOM   336 C "C2'" . DA  B 1 5  ? -0.002  -7.349  4.435   1.00 13.76 ? 17 DA  B "C2'" 1 
ATOM   337 C "C1'" . DA  B 1 5  ? -0.718  -6.911  3.179   1.00 13.36 ? 17 DA  B "C1'" 1 
ATOM   338 N N9    . DA  B 1 5  ? -1.654  -5.798  3.446   1.00 13.01 ? 17 DA  B N9    1 
ATOM   339 C C8    . DA  B 1 5  ? -1.942  -5.160  4.633   1.00 12.90 ? 17 DA  B C8    1 
ATOM   340 N N7    . DA  B 1 5  ? -2.773  -4.123  4.508   1.00 12.96 ? 17 DA  B N7    1 
ATOM   341 C C5    . DA  B 1 5  ? -3.035  -4.102  3.131   1.00 12.76 ? 17 DA  B C5    1 
ATOM   342 C C6    . DA  B 1 5  ? -3.865  -3.238  2.362   1.00 12.71 ? 17 DA  B C6    1 
ATOM   343 N N6    . DA  B 1 5  ? -4.671  -2.307  2.855   1.00 12.27 ? 17 DA  B N6    1 
ATOM   344 N N1    . DA  B 1 5  ? -3.855  -3.502  1.019   1.00 12.48 ? 17 DA  B N1    1 
ATOM   345 C C2    . DA  B 1 5  ? -3.139  -4.541  0.482   1.00 12.54 ? 17 DA  B C2    1 
ATOM   346 N N3    . DA  B 1 5  ? -2.352  -5.374  1.167   1.00 12.64 ? 17 DA  B N3    1 
ATOM   347 C C4    . DA  B 1 5  ? -2.361  -5.110  2.478   1.00 12.72 ? 17 DA  B C4    1 
ATOM   348 P P     . DA  B 1 6  ? 2.439   -9.384  2.472   1.00 16.87 ? 18 DA  B P     1 
ATOM   349 O OP1   . DA  B 1 6  ? 3.264   -10.675 2.507   1.00 17.95 ? 18 DA  B OP1   1 
ATOM   350 O OP2   . DA  B 1 6  ? 3.420   -8.291  2.178   1.00 15.44 ? 18 DA  B OP2   1 
ATOM   351 O "O5'" . DA  B 1 6  ? 1.437   -9.513  1.159   1.00 11.94 ? 18 DA  B "O5'" 1 
ATOM   352 C "C5'" . DA  B 1 6  ? 2.356   -9.321  -0.040  1.00 11.04 ? 18 DA  B "C5'" 1 
ATOM   353 C "C4'" . DA  B 1 6  ? 2.125   -7.946  -0.550  1.00 10.91 ? 18 DA  B "C4'" 1 
ATOM   354 O "O4'" . DA  B 1 6  ? 1.331   -7.109  0.347   1.00 10.47 ? 18 DA  B "O4'" 1 
ATOM   355 C "C3'" . DA  B 1 6  ? 3.380   -7.051  -0.786  1.00 10.81 ? 18 DA  B "C3'" 1 
ATOM   356 O "O3'" . DA  B 1 6  ? 3.332   -6.499  -2.105  1.00 10.74 ? 18 DA  B "O3'" 1 
ATOM   357 C "C2'" . DA  B 1 6  ? 3.263   -5.934  0.240   1.00 10.55 ? 18 DA  B "C2'" 1 
ATOM   358 C "C1'" . DA  B 1 6  ? 1.734   -5.767  0.059   1.00 10.10 ? 18 DA  B "C1'" 1 
ATOM   359 N N9    . DA  B 1 6  ? 1.235   -4.802  0.983   1.00 9.75  ? 18 DA  B N9    1 
ATOM   360 C C8    . DA  B 1 6  ? 1.518   -4.664  2.342   1.00 9.57  ? 18 DA  B C8    1 
ATOM   361 N N7    . DA  B 1 6  ? 0.962   -3.657  2.900   1.00 9.43  ? 18 DA  B N7    1 
ATOM   362 C C5    . DA  B 1 6  ? 0.323   -3.018  1.812   1.00 9.38  ? 18 DA  B C5    1 
ATOM   363 C C6    . DA  B 1 6  ? -0.475  -1.833  1.757   1.00 9.30  ? 18 DA  B C6    1 
ATOM   364 N N6    . DA  B 1 6  ? -0.706  -1.149  2.885   1.00 9.29  ? 18 DA  B N6    1 
ATOM   365 N N1    . DA  B 1 6  ? -0.983  -1.547  0.541   1.00 8.99  ? 18 DA  B N1    1 
ATOM   366 C C2    . DA  B 1 6  ? -0.714  -2.259  -0.572  1.00 9.22  ? 18 DA  B C2    1 
ATOM   367 N N3    . DA  B 1 6  ? 0.076   -3.351  -0.600  1.00 9.40  ? 18 DA  B N3    1 
ATOM   368 C C4    . DA  B 1 6  ? 0.517   -3.674  0.638   1.00 9.46  ? 18 DA  B C4    1 
ATOM   369 P P     . DT  B 1 7  ? 4.012   -7.337  -3.266  1.00 13.28 ? 19 DT  B P     1 
ATOM   370 O OP1   . DT  B 1 7  ? 2.963   -8.035  -4.032  1.00 12.36 ? 19 DT  B OP1   1 
ATOM   371 O OP2   . DT  B 1 7  ? 4.942   -8.275  -2.505  1.00 12.97 ? 19 DT  B OP2   1 
ATOM   372 O "O5'" . DT  B 1 7  ? 4.934   -6.286  -4.052  1.00 11.07 ? 19 DT  B "O5'" 1 
ATOM   373 C "C5'" . DT  B 1 7  ? 5.041   -4.987  -3.286  1.00 10.68 ? 19 DT  B "C5'" 1 
ATOM   374 C "C4'" . DT  B 1 7  ? 4.083   -4.115  -4.120  1.00 10.34 ? 19 DT  B "C4'" 1 
ATOM   375 O "O4'" . DT  B 1 7  ? 3.065   -3.547  -3.392  1.00 10.18 ? 19 DT  B "O4'" 1 
ATOM   376 C "C3'" . DT  B 1 7  ? 4.809   -2.921  -4.752  1.00 10.27 ? 19 DT  B "C3'" 1 
ATOM   377 O "O3'" . DT  B 1 7  ? 4.347   -2.841  -6.118  1.00 10.50 ? 19 DT  B "O3'" 1 
ATOM   378 C "C2'" . DT  B 1 7  ? 4.395   -1.845  -3.793  1.00 10.10 ? 19 DT  B "C2'" 1 
ATOM   379 C "C1'" . DT  B 1 7  ? 3.005   -2.125  -3.367  1.00 9.38  ? 19 DT  B "C1'" 1 
ATOM   380 N N1    . DT  B 1 7  ? 2.855   -1.758  -1.931  1.00 8.82  ? 19 DT  B N1    1 
ATOM   381 C C2    . DT  B 1 7  ? 2.062   -0.664  -1.617  1.00 8.47  ? 19 DT  B C2    1 
ATOM   382 O O2    . DT  B 1 7  ? 1.426   -0.027  -2.437  1.00 8.47  ? 19 DT  B O2    1 
ATOM   383 N N3    . DT  B 1 7  ? 1.969   -0.253  -0.321  1.00 8.22  ? 19 DT  B N3    1 
ATOM   384 C C4    . DT  B 1 7  ? 2.634   -0.911  0.673   1.00 8.15  ? 19 DT  B C4    1 
ATOM   385 O O4    . DT  B 1 7  ? 2.477   -0.454  1.845   1.00 8.10  ? 19 DT  B O4    1 
ATOM   386 C C5    . DT  B 1 7  ? 3.447   -2.020  0.331   1.00 8.20  ? 19 DT  B C5    1 
ATOM   387 C C7    . DT  B 1 7  ? 4.183   -2.730  1.436   1.00 8.37  ? 19 DT  B C7    1 
ATOM   388 C C6    . DT  B 1 7  ? 3.531   -2.424  -0.947  1.00 8.32  ? 19 DT  B C6    1 
ATOM   389 P P     . DT  B 1 8  ? 5.405   -2.147  -7.077  1.00 13.57 ? 20 DT  B P     1 
ATOM   390 O OP1   . DT  B 1 8  ? 6.125   -2.843  -8.057  1.00 15.14 ? 20 DT  B OP1   1 
ATOM   391 O OP2   . DT  B 1 8  ? 6.303   -1.424  -6.029  1.00 10.48 ? 20 DT  B OP2   1 
ATOM   392 O "O5'" . DT  B 1 8  ? 4.372   -0.963  -7.706  1.00 10.55 ? 20 DT  B "O5'" 1 
ATOM   393 C "C5'" . DT  B 1 8  ? 3.739   -0.331  -6.539  1.00 9.37  ? 20 DT  B "C5'" 1 
ATOM   394 C "C4'" . DT  B 1 8  ? 3.214   1.000   -6.828  1.00 9.18  ? 20 DT  B "C4'" 1 
ATOM   395 O "O4'" . DT  B 1 8  ? 2.814   1.463   -5.507  1.00 8.88  ? 20 DT  B "O4'" 1 
ATOM   396 C "C3'" . DT  B 1 8  ? 4.094   2.168   -7.388  1.00 8.92  ? 20 DT  B "C3'" 1 
ATOM   397 O "O3'" . DT  B 1 8  ? 3.326   3.074   -8.175  1.00 9.04  ? 20 DT  B "O3'" 1 
ATOM   398 C "C2'" . DT  B 1 8  ? 4.678   2.688   -6.123  1.00 8.77  ? 20 DT  B "C2'" 1 
ATOM   399 C "C1'" . DT  B 1 8  ? 3.683   2.464   -5.043  1.00 8.69  ? 20 DT  B "C1'" 1 
ATOM   400 N N1    . DT  B 1 8  ? 4.255   2.046   -3.750  1.00 8.46  ? 20 DT  B N1    1 
ATOM   401 C C2    . DT  B 1 8  ? 3.791   2.728   -2.639  1.00 8.46  ? 20 DT  B C2    1 
ATOM   402 O O2    . DT  B 1 8  ? 2.940   3.607   -2.708  1.00 8.66  ? 20 DT  B O2    1 
ATOM   403 N N3    . DT  B 1 8  ? 4.251   2.305   -1.451  1.00 8.38  ? 20 DT  B N3    1 
ATOM   404 C C4    . DT  B 1 8  ? 5.148   1.306   -1.264  1.00 8.40  ? 20 DT  B C4    1 
ATOM   405 O O4    . DT  B 1 8  ? 5.485   1.059   -0.066  1.00 8.42  ? 20 DT  B O4    1 
ATOM   406 C C5    . DT  B 1 8  ? 5.617   0.621   -2.403  1.00 8.34  ? 20 DT  B C5    1 
ATOM   407 C C7    . DT  B 1 8  ? 6.636   -0.466  -2.292  1.00 8.43  ? 20 DT  B C7    1 
ATOM   408 C C6    . DT  B 1 8  ? 5.108   0.993   -3.598  1.00 8.53  ? 20 DT  B C6    1 
ATOM   409 P P     . DC  B 1 9  ? 3.880   4.393   -8.905  1.00 11.79 ? 21 DC  B P     1 
ATOM   410 O OP1   . DC  B 1 9  ? 3.824   4.349   -10.416 1.00 10.34 ? 21 DC  B OP1   1 
ATOM   411 O OP2   . DC  B 1 9  ? 5.280   4.492   -8.414  1.00 12.81 ? 21 DC  B OP2   1 
ATOM   412 O "O5'" . DC  B 1 9  ? 2.985   5.648   -8.419  1.00 9.63  ? 21 DC  B "O5'" 1 
ATOM   413 C "C5'" . DC  B 1 9  ? 2.216   5.517   -7.172  1.00 9.38  ? 21 DC  B "C5'" 1 
ATOM   414 C "C4'" . DC  B 1 9  ? 2.114   6.883   -6.535  1.00 9.15  ? 21 DC  B "C4'" 1 
ATOM   415 O "O4'" . DC  B 1 9  ? 2.537   6.832   -5.171  1.00 9.12  ? 21 DC  B "O4'" 1 
ATOM   416 C "C3'" . DC  B 1 9  ? 3.010   7.953   -7.091  1.00 9.04  ? 21 DC  B "C3'" 1 
ATOM   417 O "O3'" . DC  B 1 9  ? 2.624   9.268   -6.679  1.00 8.88  ? 21 DC  B "O3'" 1 
ATOM   418 C "C2'" . DC  B 1 9  ? 4.364   7.568   -6.443  1.00 8.93  ? 21 DC  B "C2'" 1 
ATOM   419 C "C1'" . DC  B 1 9  ? 3.834   7.437   -5.003  1.00 8.74  ? 21 DC  B "C1'" 1 
ATOM   420 N N1    . DC  B 1 9  ? 4.682   6.559   -4.216  1.00 8.51  ? 21 DC  B N1    1 
ATOM   421 C C2    . DC  B 1 9  ? 4.781   6.744   -2.852  1.00 8.50  ? 21 DC  B C2    1 
ATOM   422 O O2    . DC  B 1 9  ? 4.165   7.623   -2.286  1.00 8.45  ? 21 DC  B O2    1 
ATOM   423 N N3    . DC  B 1 9  ? 5.590   5.894   -2.138  1.00 8.53  ? 21 DC  B N3    1 
ATOM   424 C C4    . DC  B 1 9  ? 6.309   4.941   -2.752  1.00 8.63  ? 21 DC  B C4    1 
ATOM   425 N N4    . DC  B 1 9  ? 7.074   4.038   -2.141  1.00 8.79  ? 21 DC  B N4    1 
ATOM   426 C C5    . DC  B 1 9  ? 6.198   4.765   -4.171  1.00 8.80  ? 21 DC  B C5    1 
ATOM   427 C C6    . DC  B 1 9  ? 5.349   5.556   -4.832  1.00 8.62  ? 21 DC  B C6    1 
ATOM   428 P P     . DG  B 1 10 ? 2.987   10.382  -7.729  1.00 9.21  ? 22 DG  B P     1 
ATOM   429 O OP1   . DG  B 1 10 ? 1.909   10.653  -8.716  1.00 9.99  ? 22 DG  B OP1   1 
ATOM   430 O OP2   . DG  B 1 10 ? 4.168   9.694   -8.473  1.00 9.52  ? 22 DG  B OP2   1 
ATOM   431 O "O5'" . DG  B 1 10 ? 3.441   11.687  -6.976  1.00 8.06  ? 22 DG  B "O5'" 1 
ATOM   432 C "C5'" . DG  B 1 10 ? 3.109   12.186  -5.712  1.00 7.03  ? 22 DG  B "C5'" 1 
ATOM   433 C "C4'" . DG  B 1 10 ? 4.392   12.541  -4.935  1.00 7.00  ? 22 DG  B "C4'" 1 
ATOM   434 O "O4'" . DG  B 1 10 ? 4.794   11.301  -4.242  1.00 6.37  ? 22 DG  B "O4'" 1 
ATOM   435 C "C3'" . DG  B 1 10 ? 5.593   13.046  -5.651  1.00 6.93  ? 22 DG  B "C3'" 1 
ATOM   436 O "O3'" . DG  B 1 10 ? 6.280   14.180  -5.063  1.00 7.51  ? 22 DG  B "O3'" 1 
ATOM   437 C "C2'" . DG  B 1 10 ? 6.539   11.839  -5.559  1.00 6.69  ? 22 DG  B "C2'" 1 
ATOM   438 C "C1'" . DG  B 1 10 ? 6.182   11.323  -4.142  1.00 5.89  ? 22 DG  B "C1'" 1 
ATOM   439 N N9    . DG  B 1 10 ? 6.940   10.080  -4.018  1.00 5.30  ? 22 DG  B N9    1 
ATOM   440 C C8    . DG  B 1 10 ? 7.445   9.283   -4.988  1.00 5.01  ? 22 DG  B C8    1 
ATOM   441 N N7    . DG  B 1 10 ? 8.195   8.305   -4.534  1.00 5.05  ? 22 DG  B N7    1 
ATOM   442 C C5    . DG  B 1 10 ? 8.194   8.476   -3.162  1.00 5.01  ? 22 DG  B C5    1 
ATOM   443 C C6    . DG  B 1 10 ? 8.792   7.780   -2.091  1.00 4.93  ? 22 DG  B C6    1 
ATOM   444 O O6    . DG  B 1 10 ? 9.467   6.772   -2.140  1.00 5.14  ? 22 DG  B O6    1 
ATOM   445 N N1    . DG  B 1 10 ? 8.564   8.290   -0.841  1.00 4.90  ? 22 DG  B N1    1 
ATOM   446 C C2    . DG  B 1 10 ? 7.796   9.366   -0.632  1.00 4.77  ? 22 DG  B C2    1 
ATOM   447 N N2    . DG  B 1 10 ? 7.726   9.761   0.638   1.00 4.94  ? 22 DG  B N2    1 
ATOM   448 N N3    . DG  B 1 10 ? 7.247   10.113  -1.582  1.00 4.95  ? 22 DG  B N3    1 
ATOM   449 C C4    . DG  B 1 10 ? 7.455   9.617   -2.826  1.00 5.15  ? 22 DG  B C4    1 
ATOM   450 P P     . DC  B 1 11 ? 5.782   15.663  -5.358  1.00 12.77 ? 23 DC  B P     1 
ATOM   451 O OP1   . DC  B 1 11 ? 4.276   15.728  -5.137  1.00 11.36 ? 23 DC  B OP1   1 
ATOM   452 O OP2   . DC  B 1 11 ? 6.211   15.955  -6.687  1.00 9.09  ? 23 DC  B OP2   1 
ATOM   453 O "O5'" . DC  B 1 11 ? 6.394   16.595  -4.165  1.00 11.59 ? 23 DC  B "O5'" 1 
ATOM   454 C "C5'" . DC  B 1 11 ? 5.484   16.911  -3.081  1.00 12.14 ? 23 DC  B "C5'" 1 
ATOM   455 C "C4'" . DC  B 1 11 ? 6.135   16.694  -1.741  1.00 12.22 ? 23 DC  B "C4'" 1 
ATOM   456 O "O4'" . DC  B 1 11 ? 6.227   15.334  -1.317  1.00 12.35 ? 23 DC  B "O4'" 1 
ATOM   457 C "C3'" . DC  B 1 11 ? 7.626   17.158  -1.706  1.00 12.29 ? 23 DC  B "C3'" 1 
ATOM   458 O "O3'" . DC  B 1 11 ? 7.654   18.515  -1.989  1.00 12.21 ? 23 DC  B "O3'" 1 
ATOM   459 C "C2'" . DC  B 1 11 ? 8.002   16.536  -0.363  1.00 12.19 ? 23 DC  B "C2'" 1 
ATOM   460 C "C1'" . DC  B 1 11 ? 7.421   15.152  -0.455  1.00 12.05 ? 23 DC  B "C1'" 1 
ATOM   461 N N1    . DC  B 1 11 ? 8.247   14.120  -1.104  1.00 11.85 ? 23 DC  B N1    1 
ATOM   462 C C2    . DC  B 1 11 ? 9.020   13.211  -0.437  1.00 11.62 ? 23 DC  B C2    1 
ATOM   463 O O2    . DC  B 1 11 ? 9.091   13.158  0.787   1.00 11.38 ? 23 DC  B O2    1 
ATOM   464 N N3    . DC  B 1 11 ? 9.803   12.383  -1.201  1.00 11.68 ? 23 DC  B N3    1 
ATOM   465 C C4    . DC  B 1 11 ? 9.797   12.389  -2.564  1.00 11.57 ? 23 DC  B C4    1 
ATOM   466 N N4    . DC  B 1 11 ? 10.510  11.525  -3.283  1.00 11.53 ? 23 DC  B N4    1 
ATOM   467 C C5    . DC  B 1 11 ? 8.976   13.333  -3.251  1.00 11.58 ? 23 DC  B C5    1 
ATOM   468 C C6    . DC  B 1 11 ? 8.240   14.127  -2.495  1.00 11.74 ? 23 DC  B C6    1 
ATOM   469 P P     . DG  B 1 12 ? 8.979   19.445  -1.926  1.00 14.77 ? 24 DG  B P     1 
ATOM   470 O OP1   . DG  B 1 12 ? 8.464   20.853  -1.541  1.00 14.66 ? 24 DG  B OP1   1 
ATOM   471 O OP2   . DG  B 1 12 ? 9.558   19.455  -3.273  1.00 13.95 ? 24 DG  B OP2   1 
ATOM   472 O "O5'" . DG  B 1 12 ? 9.819   18.831  -0.783  1.00 12.28 ? 24 DG  B "O5'" 1 
ATOM   473 C "C5'" . DG  B 1 12 ? 10.993  19.524  -0.237  1.00 11.95 ? 24 DG  B "C5'" 1 
ATOM   474 C "C4'" . DG  B 1 12 ? 11.146  18.808  1.107   1.00 11.89 ? 24 DG  B "C4'" 1 
ATOM   475 O "O4'" . DG  B 1 12 ? 10.923  17.420  1.036   1.00 11.65 ? 24 DG  B "O4'" 1 
ATOM   476 C "C3'" . DG  B 1 12 ? 12.529  19.006  1.716   1.00 11.88 ? 24 DG  B "C3'" 1 
ATOM   477 O "O3'" . DG  B 1 12 ? 12.351  19.392  3.132   1.00 12.08 ? 24 DG  B "O3'" 1 
ATOM   478 C "C2'" . DG  B 1 12 ? 13.222  17.725  1.381   1.00 11.59 ? 24 DG  B "C2'" 1 
ATOM   479 C "C1'" . DG  B 1 12 ? 12.173  16.682  1.036   1.00 11.32 ? 24 DG  B "C1'" 1 
ATOM   480 N N9    . DG  B 1 12 ? 12.404  15.998  -0.246  1.00 10.77 ? 24 DG  B N9    1 
ATOM   481 C C8    . DG  B 1 12 ? 12.058  16.510  -1.467  1.00 10.65 ? 24 DG  B C8    1 
ATOM   482 N N7    . DG  B 1 12 ? 12.314  15.722  -2.466  1.00 10.54 ? 24 DG  B N7    1 
ATOM   483 C C5    . DG  B 1 12 ? 12.885  14.616  -1.885  1.00 10.41 ? 24 DG  B C5    1 
ATOM   484 C C6    . DG  B 1 12 ? 13.370  13.402  -2.476  1.00 10.39 ? 24 DG  B C6    1 
ATOM   485 O O6    . DG  B 1 12 ? 13.417  13.110  -3.681  1.00 10.35 ? 24 DG  B O6    1 
ATOM   486 N N1    . DG  B 1 12 ? 13.884  12.509  -1.595  1.00 10.27 ? 24 DG  B N1    1 
ATOM   487 C C2    . DG  B 1 12 ? 13.885  12.765  -0.248  1.00 10.35 ? 24 DG  B C2    1 
ATOM   488 N N2    . DG  B 1 12 ? 14.360  11.729  0.471   1.00 10.23 ? 24 DG  B N2    1 
ATOM   489 N N3    . DG  B 1 12 ? 13.437  13.866  0.347   1.00 10.44 ? 24 DG  B N3    1 
ATOM   490 C C4    . DG  B 1 12 ? 12.931  14.753  -0.525  1.00 10.56 ? 24 DG  B C4    1 
HETATM 491 C C1    . SN6 C 2 .  ? 0.100   -6.119  -6.970  1.00 23.56 ? 25 SN6 B C1    1 
HETATM 492 C C2    . SN6 C 2 .  ? -0.511  -6.018  -5.710  1.00 23.56 ? 25 SN6 B C2    1 
HETATM 493 C C3    . SN6 C 2 .  ? -0.701  -4.761  -5.106  1.00 23.54 ? 25 SN6 B C3    1 
HETATM 494 C C4    . SN6 C 2 .  ? -0.340  -3.646  -5.794  1.00 23.41 ? 25 SN6 B C4    1 
HETATM 495 C C5    . SN6 C 2 .  ? 0.255   -3.733  -7.061  1.00 23.34 ? 25 SN6 B C5    1 
HETATM 496 C C6    . SN6 C 2 .  ? 0.504   -4.947  -7.647  1.00 23.41 ? 25 SN6 B C6    1 
HETATM 497 N N7    . SN6 C 2 .  ? -1.321  -4.656  -3.882  1.00 23.63 ? 25 SN6 B N7    1 
HETATM 498 C C8    . SN6 C 2 .  ? -1.529  -3.385  -3.322  1.00 23.56 ? 25 SN6 B C8    1 
HETATM 499 C C9    . SN6 C 2 .  ? -1.166  -2.270  -3.996  1.00 23.38 ? 25 SN6 B C9    1 
HETATM 500 C C10   . SN6 C 2 .  ? -0.547  -2.376  -5.220  1.00 23.25 ? 25 SN6 B C10   1 
HETATM 501 N N11   . SN6 C 2 .  ? -0.175  -1.354  -5.921  1.00 23.14 ? 25 SN6 B N11   1 
HETATM 502 C C12   . SN6 C 2 .  ? -0.195  -0.048  -5.682  1.00 22.85 ? 25 SN6 B C12   1 
HETATM 503 C C13   . SN6 C 2 .  ? 0.290   0.545   -4.518  1.00 22.63 ? 25 SN6 B C13   1 
HETATM 504 C C14   . SN6 C 2 .  ? 0.250   1.866   -4.315  1.00 22.52 ? 25 SN6 B C14   1 
HETATM 505 C C15   . SN6 C 2 .  ? -0.213  2.721   -5.327  1.00 22.52 ? 25 SN6 B C15   1 
HETATM 506 C C16   . SN6 C 2 .  ? -0.709  2.137   -6.507  1.00 22.78 ? 25 SN6 B C16   1 
HETATM 507 C C17   . SN6 C 2 .  ? -0.654  0.805   -6.722  1.00 22.83 ? 25 SN6 B C17   1 
HETATM 508 C C18   . SN6 C 2 .  ? -0.267  4.139   -5.169  1.00 22.47 ? 25 SN6 B C18   1 
HETATM 509 O O19   . SN6 C 2 .  ? -0.558  5.041   -5.971  1.00 22.35 ? 25 SN6 B O19   1 
HETATM 510 N N20   . SN6 C 2 .  ? 0.306   4.581   -4.036  1.00 22.40 ? 25 SN6 B N20   1 
HETATM 511 C C21   . SN6 C 2 .  ? 0.172   5.883   -3.714  1.00 22.29 ? 25 SN6 B C21   1 
HETATM 512 C C22   . SN6 C 2 .  ? 0.544   6.300   -2.435  1.00 22.21 ? 25 SN6 B C22   1 
HETATM 513 C C23   . SN6 C 2 .  ? 0.464   7.650   -2.067  1.00 22.09 ? 25 SN6 B C23   1 
HETATM 514 C C24   . SN6 C 2 .  ? 0.012   8.583   -2.987  1.00 21.98 ? 25 SN6 B C24   1 
HETATM 515 C C25   . SN6 C 2 .  ? -0.368  8.174   -4.269  1.00 22.10 ? 25 SN6 B C25   1 
HETATM 516 C C26   . SN6 C 2 .  ? -0.285  6.822   -4.647  1.00 22.24 ? 25 SN6 B C26   1 
HETATM 517 N N27   . SN6 C 2 .  ? -0.080  9.857   -2.590  1.00 21.98 ? 25 SN6 B N27   1 
HETATM 518 C C28   . SN6 C 2 .  ? 1.042   10.502  -2.230  1.00 21.99 ? 25 SN6 B C28   1 
HETATM 519 C C29   . SN6 C 2 .  ? 1.536   10.399  -0.963  1.00 22.06 ? 25 SN6 B C29   1 
HETATM 520 C C30   . SN6 C 2 .  ? 2.684   11.112  -0.625  1.00 21.91 ? 25 SN6 B C30   1 
HETATM 521 N N31   . SN6 C 2 .  ? 3.295   11.874  -1.602  1.00 21.89 ? 25 SN6 B N31   1 
HETATM 522 C C32   . SN6 C 2 .  ? 2.754   11.926  -2.851  1.00 21.85 ? 25 SN6 B C32   1 
HETATM 523 C C33   . SN6 C 2 .  ? 1.653   11.264  -3.205  1.00 22.02 ? 25 SN6 B C33   1 
HETATM 524 C C34   . SN6 C 2 .  ? 4.539   12.689  -1.322  1.00 21.81 ? 25 SN6 B C34   1 
HETATM 525 C C35   . SN6 C 2 .  ? -1.753  -5.805  -3.109  1.00 23.54 ? 25 SN6 B C35   1 
HETATM 526 O O     . HOH D 3 .  ? 5.543   1.528   4.776   1.00 17.53 ? 26 HOH A O     1 
HETATM 527 O O     . HOH D 3 .  ? -7.953  11.793  8.399   1.00 61.17 ? 27 HOH A O     1 
HETATM 528 O O     . HOH D 3 .  ? -12.544 10.923  5.790   1.00 17.50 ? 30 HOH A O     1 
HETATM 529 O O     . HOH D 3 .  ? -3.194  3.843   9.721   1.00 24.62 ? 31 HOH A O     1 
HETATM 530 O O     . HOH D 3 .  ? -4.657  3.774   23.487  1.00 9.63  ? 33 HOH A O     1 
HETATM 531 O O     . HOH D 3 .  ? -8.697  4.596   -2.397  1.00 18.04 ? 37 HOH A O     1 
HETATM 532 O O     . HOH D 3 .  ? -8.318  2.069   7.692   1.00 26.51 ? 38 HOH A O     1 
HETATM 533 O O     . HOH D 3 .  ? -13.661 6.233   -1.277  1.00 13.37 ? 39 HOH A O     1 
HETATM 534 O O     . HOH D 3 .  ? -14.896 0.495   3.256   1.00 32.62 ? 43 HOH A O     1 
HETATM 535 O O     . HOH D 3 .  ? -10.888 -6.291  -6.657  1.00 26.35 ? 46 HOH A O     1 
HETATM 536 O O     . HOH D 3 .  ? -1.212  5.319   16.553  1.00 50.87 ? 48 HOH A O     1 
HETATM 537 O O     . HOH D 3 .  ? -2.711  6.586   14.628  1.00 2.50  ? 49 HOH A O     1 
HETATM 538 O O     . HOH D 3 .  ? 2.644   9.744   15.586  1.00 35.14 ? 52 HOH A O     1 
HETATM 539 O O     . HOH D 3 .  ? -3.752  0.897   5.040   1.00 14.91 ? 53 HOH A O     1 
HETATM 540 O O     . HOH D 3 .  ? -10.875 0.496   0.164   1.00 18.53 ? 54 HOH A O     1 
HETATM 541 O O     . HOH D 3 .  ? -7.208  6.341   7.539   1.00 14.54 ? 61 HOH A O     1 
HETATM 542 O O     . HOH D 3 .  ? -8.911  4.314   3.607   1.00 27.52 ? 64 HOH A O     1 
HETATM 543 O O     . HOH D 3 .  ? -11.478 3.427   6.169   1.00 27.51 ? 66 HOH A O     1 
HETATM 544 O O     . HOH D 3 .  ? -3.823  -18.934 -6.885  1.00 11.74 ? 67 HOH A O     1 
HETATM 545 O O     . HOH D 3 .  ? -1.783  -16.371 -8.606  1.00 16.95 ? 70 HOH A O     1 
HETATM 546 O O     . HOH D 3 .  ? -2.646  7.922   9.784   1.00 11.74 ? 72 HOH A O     1 
HETATM 547 O O     . HOH D 3 .  ? -7.191  10.123  4.543   1.00 43.26 ? 73 HOH A O     1 
HETATM 548 O O     . HOH D 3 .  ? -10.148 7.977   0.511   1.00 20.81 ? 74 HOH A O     1 
HETATM 549 O O     . HOH D 3 .  ? 4.609   -2.196  15.979  1.00 19.33 ? 75 HOH A O     1 
HETATM 550 O O     . HOH D 3 .  ? 1.866   -2.870  17.856  1.00 50.91 ? 77 HOH A O     1 
HETATM 551 O O     . HOH D 3 .  ? -11.607 2.405   2.139   1.00 31.34 ? 80 HOH A O     1 
HETATM 552 O O     . HOH D 3 .  ? 3.040   4.467   9.203   1.00 16.07 ? 81 HOH A O     1 
HETATM 553 O O     . HOH D 3 .  ? 2.238   6.934   20.179  1.00 34.38 ? 82 HOH A O     1 
HETATM 554 O O     . HOH D 3 .  ? 5.921   2.962   15.877  1.00 36.91 ? 83 HOH A O     1 
HETATM 555 O O     . HOH D 3 .  ? -2.900  7.320   20.510  1.00 34.88 ? 84 HOH A O     1 
HETATM 556 O O     . HOH D 3 .  ? 2.408   4.488   17.084  1.00 44.63 ? 85 HOH A O     1 
HETATM 557 O O     . HOH D 3 .  ? 17.414  -0.142  -1.750  1.00 35.14 ? 86 HOH A O     1 
HETATM 558 O O     . HOH D 3 .  ? -0.514  12.317  5.596   1.00 47.84 ? 87 HOH A O     1 
HETATM 559 O O     . HOH D 3 .  ? 20.271  9.236   -5.815  1.00 34.41 ? 89 HOH A O     1 
HETATM 560 O O     . HOH D 3 .  ? -1.419  -8.456  -6.622  1.00 22.80 ? 90 HOH A O     1 
HETATM 561 O O     . HOH E 3 .  ? 9.804   -3.892  -5.098  1.00 22.23 ? 28 HOH B O     1 
HETATM 562 O O     . HOH E 3 .  ? 10.913  -4.195  4.431   1.00 2.50  ? 29 HOH B O     1 
HETATM 563 O O     . HOH E 3 .  ? 5.160   -3.279  9.289   1.00 38.35 ? 32 HOH B O     1 
HETATM 564 O O     . HOH E 3 .  ? -1.153  -0.397  7.044   1.00 2.50  ? 34 HOH B O     1 
HETATM 565 O O     . HOH E 3 .  ? -0.590  -2.275  10.165  1.00 8.08  ? 35 HOH B O     1 
HETATM 566 O O     . HOH E 3 .  ? 13.373  -11.841 1.493   1.00 2.50  ? 36 HOH B O     1 
HETATM 567 O O     . HOH E 3 .  ? 6.790   -10.313 -0.915  1.00 8.24  ? 40 HOH B O     1 
HETATM 568 O O     . HOH E 3 .  ? 9.920   -13.628 -1.308  1.00 10.89 ? 41 HOH B O     1 
HETATM 569 O O     . HOH E 3 .  ? 6.203   -14.039 15.114  1.00 22.11 ? 42 HOH B O     1 
HETATM 570 O O     . HOH E 3 .  ? 1.417   -12.164 -2.877  1.00 21.71 ? 44 HOH B O     1 
HETATM 571 O O     . HOH E 3 .  ? 7.656   -18.345 -6.011  1.00 4.81  ? 45 HOH B O     1 
HETATM 572 O O     . HOH E 3 .  ? -0.253  -12.675 1.880   1.00 7.93  ? 47 HOH B O     1 
HETATM 573 O O     . HOH E 3 .  ? 9.892   -2.334  7.880   1.00 30.44 ? 50 HOH B O     1 
HETATM 574 O O     . HOH E 3 .  ? 11.528  -7.585  15.390  1.00 28.85 ? 51 HOH B O     1 
HETATM 575 O O     . HOH E 3 .  ? 3.464   -9.023  11.609  1.00 14.98 ? 55 HOH B O     1 
HETATM 576 O O     . HOH E 3 .  ? -3.670  -6.666  13.768  1.00 20.62 ? 56 HOH B O     1 
HETATM 577 O O     . HOH E 3 .  ? -16.848 1.912   8.452   1.00 29.80 ? 57 HOH B O     1 
HETATM 578 O O     . HOH E 3 .  ? -1.271  -9.277  14.825  1.00 14.82 ? 58 HOH B O     1 
HETATM 579 O O     . HOH E 3 .  ? -11.901 -3.934  9.182   1.00 18.65 ? 59 HOH B O     1 
HETATM 580 O O     . HOH E 3 .  ? 13.973  -4.956  0.077   1.00 2.56  ? 60 HOH B O     1 
HETATM 581 O O     . HOH E 3 .  ? 13.830  -7.870  3.189   1.00 17.97 ? 62 HOH B O     1 
HETATM 582 O O     . HOH E 3 .  ? 6.044   -4.967  18.164  1.00 40.19 ? 63 HOH B O     1 
HETATM 583 O O     . HOH E 3 .  ? 1.161   -6.661  16.513  1.00 57.79 ? 65 HOH B O     1 
HETATM 584 O O     . HOH E 3 .  ? 4.515   -10.914 17.012  1.00 12.24 ? 68 HOH B O     1 
HETATM 585 O O     . HOH E 3 .  ? 5.425   -14.317 1.726   1.00 22.76 ? 69 HOH B O     1 
HETATM 586 O O     . HOH E 3 .  ? 2.101   -13.886 12.498  1.00 25.10 ? 71 HOH B O     1 
HETATM 587 O O     . HOH E 3 .  ? 9.569   -7.255  -2.368  1.00 27.71 ? 76 HOH B O     1 
HETATM 588 O O     . HOH E 3 .  ? 0.964   -4.871  9.142   1.00 37.22 ? 78 HOH B O     1 
HETATM 589 O O     . HOH E 3 .  ? 7.541   -9.763  18.462  1.00 15.67 ? 79 HOH B O     1 
HETATM 590 O O     . HOH E 3 .  ? 9.212   -7.796  19.577  1.00 20.52 ? 88 HOH B O     1 
# 
